data_8R3I
#
_entry.id   8R3I
#
_cell.length_a   74.575
_cell.length_b   91.939
_cell.length_c   82.732
_cell.angle_alpha   90.000
_cell.angle_beta   115.355
_cell.angle_gamma   90.000
#
_symmetry.space_group_name_H-M   'P 1 21 1'
#
loop_
_entity.id
_entity.type
_entity.pdbx_description
1 polymer 'Pteridine reductase'
2 non-polymer 'NADP NICOTINAMIDE-ADENINE-DINUCLEOTIDE PHOSPHATE'
3 non-polymer ~{N}-[(2~{R})-1-[4-[[2,4-bis(azanyl)quinazolin-5-yl]oxymethyl]piperidin-1-yl]-1-oxidanylidene-pent-4-yn-2-yl]ethanamide
4 non-polymer 'ACETATE ION'
5 water water
#
_entity_poly.entity_id   1
_entity_poly.type   'polypeptide(L)'
_entity_poly.pdbx_seq_one_letter_code
;MHHHHHHLVPRGSMMEAPAAVVTGAAKRIGRAIAVKLHQTGYRVVIHYHNSAEAAVSLADELNKERSNTAVVCQADLTNS
NVLPASCEEIINSCFRAFGRCDVLVNNASAFYPTPLVQGDHEDNSNGKTVETQVAELIGTNAIAPFLLTMSFAQRQKGTN
PNCTSSNLSIVNLCDAMVDQPCMAFSLYNMGKHALVGLTQSAALELAPYGIRVNGVAPGVSLLPVAMGEEEKDKWRRKVP
LGRREASAEQIADAVIFLVSGSAQYITGSIIKVDGGLSLVHA
;
_entity_poly.pdbx_strand_id   A,B,C,D
#
loop_
_chem_comp.id
_chem_comp.type
_chem_comp.name
_chem_comp.formula
ACT non-polymer 'ACETATE ION' 'C2 H3 O2 -1'
NAP non-polymer 'NADP NICOTINAMIDE-ADENINE-DINUCLEOTIDE PHOSPHATE' 'C21 H28 N7 O17 P3'
XSH non-polymer ~{N}-[(2~{R})-1-[4-[[2,4-bis(azanyl)quinazolin-5-yl]oxymethyl]piperidin-1-yl]-1-oxidanylidene-pent-4-yn-2-yl]ethanamide 'C21 H26 N6 O3'
#
# COMPACT_ATOMS: atom_id res chain seq x y z
N GLU A 16 22.78 -30.76 -15.51
CA GLU A 16 22.73 -29.76 -16.61
C GLU A 16 22.25 -28.40 -16.06
N ALA A 17 22.92 -27.35 -16.55
CA ALA A 17 22.85 -26.03 -15.98
C ALA A 17 21.53 -25.36 -16.39
N PRO A 18 20.84 -24.65 -15.46
CA PRO A 18 19.65 -23.89 -15.83
C PRO A 18 20.05 -22.73 -16.73
N ALA A 19 19.04 -22.10 -17.37
CA ALA A 19 19.30 -20.99 -18.26
C ALA A 19 18.37 -19.82 -17.93
N ALA A 20 18.89 -18.61 -18.13
CA ALA A 20 18.16 -17.39 -17.82
C ALA A 20 18.24 -16.42 -19.00
N VAL A 21 17.13 -15.71 -19.24
CA VAL A 21 17.10 -14.52 -20.10
C VAL A 21 17.11 -13.27 -19.23
N VAL A 22 18.03 -12.35 -19.54
CA VAL A 22 18.07 -11.03 -18.90
C VAL A 22 17.94 -9.99 -19.99
N THR A 23 16.88 -9.14 -19.92
CA THR A 23 16.69 -8.12 -20.92
C THR A 23 17.54 -6.92 -20.55
N GLY A 24 17.98 -6.19 -21.58
CA GLY A 24 18.84 -5.03 -21.39
C GLY A 24 20.09 -5.36 -20.56
N ALA A 25 20.78 -6.45 -20.89
CA ALA A 25 21.82 -7.02 -20.05
C ALA A 25 23.24 -6.59 -20.43
N ALA A 26 23.40 -5.69 -21.41
CA ALA A 26 24.73 -5.39 -21.92
C ALA A 26 25.49 -4.49 -20.93
N LYS A 27 24.77 -3.69 -20.16
CA LYS A 27 25.38 -2.69 -19.31
C LYS A 27 24.69 -2.62 -17.95
N ARG A 28 25.36 -1.96 -17.01
CA ARG A 28 24.72 -1.42 -15.80
C ARG A 28 24.06 -2.55 -15.02
N ILE A 29 22.81 -2.37 -14.59
CA ILE A 29 22.22 -3.32 -13.64
C ILE A 29 21.97 -4.65 -14.32
N GLY A 30 21.49 -4.63 -15.57
CA GLY A 30 21.22 -5.89 -16.26
C GLY A 30 22.50 -6.72 -16.44
N ARG A 31 23.63 -6.04 -16.68
CA ARG A 31 24.91 -6.72 -16.83
C ARG A 31 25.27 -7.39 -15.52
N ALA A 32 25.09 -6.69 -14.39
CA ALA A 32 25.46 -7.23 -13.09
C ALA A 32 24.60 -8.44 -12.76
N ILE A 33 23.33 -8.40 -13.17
CA ILE A 33 22.40 -9.51 -12.97
C ILE A 33 22.85 -10.71 -13.79
N ALA A 34 23.17 -10.49 -15.08
CA ALA A 34 23.61 -11.59 -15.93
C ALA A 34 24.90 -12.19 -15.37
N VAL A 35 25.85 -11.35 -14.97
CA VAL A 35 27.12 -11.82 -14.43
C VAL A 35 26.87 -12.65 -13.18
N LYS A 36 26.02 -12.17 -12.26
CA LYS A 36 25.80 -12.90 -11.02
C LYS A 36 25.06 -14.21 -11.28
N LEU A 37 24.10 -14.24 -12.20
CA LEU A 37 23.42 -15.48 -12.53
C LEU A 37 24.45 -16.49 -13.11
N HIS A 38 25.32 -16.00 -13.98
CA HIS A 38 26.36 -16.82 -14.59
C HIS A 38 27.28 -17.40 -13.52
N GLN A 39 27.72 -16.55 -12.58
CA GLN A 39 28.56 -16.98 -11.46
C GLN A 39 27.85 -18.03 -10.59
N THR A 40 26.52 -18.01 -10.55
CA THR A 40 25.73 -18.94 -9.77
C THR A 40 25.51 -20.26 -10.52
N GLY A 41 25.90 -20.31 -11.80
CA GLY A 41 25.81 -21.55 -12.55
C GLY A 41 24.80 -21.53 -13.70
N TYR A 42 24.17 -20.37 -13.97
CA TYR A 42 23.25 -20.25 -15.09
C TYR A 42 24.00 -20.01 -16.39
N ARG A 43 23.42 -20.57 -17.45
CA ARG A 43 23.65 -20.12 -18.81
C ARG A 43 22.71 -18.93 -19.08
N VAL A 44 23.19 -17.93 -19.82
CA VAL A 44 22.48 -16.66 -19.92
C VAL A 44 22.30 -16.22 -21.38
N VAL A 45 21.11 -15.69 -21.68
CA VAL A 45 20.86 -14.90 -22.88
C VAL A 45 20.97 -13.45 -22.49
N ILE A 46 21.94 -12.76 -23.08
CA ILE A 46 22.16 -11.34 -22.93
C ILE A 46 21.37 -10.60 -24.00
N HIS A 47 20.19 -10.07 -23.63
CA HIS A 47 19.38 -9.33 -24.58
C HIS A 47 19.92 -7.91 -24.60
N TYR A 48 19.88 -7.30 -25.79
CA TYR A 48 20.31 -5.92 -25.96
C TYR A 48 19.48 -5.33 -27.10
N HIS A 49 19.51 -4.01 -27.21
CA HIS A 49 18.81 -3.27 -28.25
C HIS A 49 19.88 -2.59 -29.12
N ASN A 50 20.50 -1.53 -28.60
CA ASN A 50 21.53 -0.80 -29.33
C ASN A 50 22.95 -1.20 -28.92
N SER A 51 23.14 -1.81 -27.72
CA SER A 51 24.48 -1.99 -27.17
C SER A 51 25.13 -3.30 -27.62
N ALA A 52 25.29 -3.44 -28.94
CA ALA A 52 25.75 -4.68 -29.56
C ALA A 52 27.18 -5.01 -29.12
N GLU A 53 28.07 -4.02 -29.16
CA GLU A 53 29.46 -4.23 -28.85
C GLU A 53 29.63 -4.66 -27.40
N ALA A 54 28.95 -3.96 -26.49
CA ALA A 54 29.02 -4.32 -25.07
C ALA A 54 28.38 -5.68 -24.82
N ALA A 55 27.29 -6.02 -25.51
CA ALA A 55 26.66 -7.32 -25.30
C ALA A 55 27.60 -8.46 -25.70
N VAL A 56 28.19 -8.34 -26.90
CA VAL A 56 29.06 -9.39 -27.45
C VAL A 56 30.30 -9.55 -26.57
N SER A 57 30.86 -8.42 -26.15
CA SER A 57 32.00 -8.40 -25.27
C SER A 57 31.69 -9.14 -23.96
N LEU A 58 30.50 -8.94 -23.39
CA LEU A 58 30.13 -9.63 -22.16
C LEU A 58 29.96 -11.13 -22.44
N ALA A 59 29.31 -11.51 -23.54
CA ALA A 59 29.13 -12.92 -23.83
C ALA A 59 30.50 -13.60 -24.00
N ASP A 60 31.46 -12.89 -24.59
CA ASP A 60 32.80 -13.41 -24.81
C ASP A 60 33.48 -13.67 -23.45
N GLU A 61 33.34 -12.70 -22.53
CA GLU A 61 33.90 -12.82 -21.19
C GLU A 61 33.28 -14.02 -20.47
N LEU A 62 31.97 -14.21 -20.56
CA LEU A 62 31.32 -15.29 -19.85
C LEU A 62 31.68 -16.64 -20.47
N ASN A 63 31.75 -16.71 -21.81
CA ASN A 63 32.09 -17.96 -22.48
C ASN A 63 33.57 -18.34 -22.27
N LYS A 64 34.44 -17.35 -22.09
CA LYS A 64 35.83 -17.57 -21.72
C LYS A 64 35.91 -18.21 -20.34
N GLU A 65 35.02 -17.82 -19.42
CA GLU A 65 34.94 -18.44 -18.11
C GLU A 65 34.41 -19.87 -18.22
N ARG A 66 33.31 -20.12 -18.94
CA ARG A 66 32.80 -21.45 -19.18
C ARG A 66 32.22 -21.51 -20.60
N SER A 67 32.72 -22.43 -21.43
CA SER A 67 32.35 -22.50 -22.84
C SER A 67 30.85 -22.73 -23.02
N ASN A 68 30.29 -22.06 -24.05
CA ASN A 68 28.91 -22.31 -24.48
C ASN A 68 27.91 -22.03 -23.36
N THR A 69 28.14 -20.95 -22.61
CA THR A 69 27.24 -20.62 -21.52
C THR A 69 26.57 -19.25 -21.68
N ALA A 70 26.90 -18.50 -22.75
CA ALA A 70 26.31 -17.19 -23.00
C ALA A 70 26.05 -16.98 -24.49
N VAL A 71 24.89 -16.41 -24.83
CA VAL A 71 24.63 -15.89 -26.16
C VAL A 71 24.04 -14.50 -26.01
N VAL A 72 24.07 -13.72 -27.11
CA VAL A 72 23.37 -12.47 -27.18
C VAL A 72 22.10 -12.64 -28.01
N CYS A 73 21.14 -11.70 -27.78
CA CYS A 73 19.87 -11.69 -28.50
C CYS A 73 19.42 -10.25 -28.66
N GLN A 74 19.29 -9.78 -29.91
CA GLN A 74 18.93 -8.39 -30.19
C GLN A 74 17.42 -8.28 -30.37
N ALA A 75 16.83 -7.27 -29.71
CA ALA A 75 15.42 -6.96 -29.94
C ALA A 75 15.09 -5.56 -29.42
N ASP A 76 14.30 -4.84 -30.24
CA ASP A 76 13.61 -3.64 -29.81
C ASP A 76 12.37 -4.06 -29.03
N LEU A 77 12.17 -3.50 -27.84
CA LEU A 77 11.04 -3.84 -27.00
C LEU A 77 10.05 -2.68 -26.91
N THR A 78 10.17 -1.71 -27.82
CA THR A 78 9.15 -0.70 -28.04
C THR A 78 7.83 -1.40 -28.40
N ASN A 79 6.70 -0.85 -27.93
CA ASN A 79 5.41 -1.41 -28.29
C ASN A 79 5.16 -1.24 -29.78
N SER A 80 4.64 -2.29 -30.42
CA SER A 80 4.29 -2.31 -31.83
C SER A 80 3.49 -3.58 -32.08
N ASN A 81 2.98 -3.75 -33.31
CA ASN A 81 2.24 -4.95 -33.64
C ASN A 81 3.15 -6.17 -33.74
N VAL A 82 4.47 -5.98 -33.86
CA VAL A 82 5.39 -7.11 -33.97
C VAL A 82 6.06 -7.40 -32.62
N LEU A 83 5.78 -6.63 -31.58
CA LEU A 83 6.43 -6.86 -30.30
C LEU A 83 6.13 -8.27 -29.81
N PRO A 84 4.90 -8.80 -29.91
CA PRO A 84 4.65 -10.17 -29.46
C PRO A 84 5.59 -11.19 -30.09
N ALA A 85 5.84 -11.05 -31.42
CA ALA A 85 6.76 -11.94 -32.12
C ALA A 85 8.19 -11.74 -31.63
N SER A 86 8.62 -10.49 -31.41
CA SER A 86 9.95 -10.25 -30.89
C SER A 86 10.15 -10.92 -29.52
N CYS A 87 9.14 -10.86 -28.65
CA CYS A 87 9.27 -11.40 -27.31
C CYS A 87 9.29 -12.93 -27.36
N GLU A 88 8.43 -13.51 -28.20
CA GLU A 88 8.47 -14.94 -28.45
C GLU A 88 9.86 -15.36 -28.93
N GLU A 89 10.51 -14.54 -29.76
CA GLU A 89 11.79 -14.93 -30.33
C GLU A 89 12.90 -14.84 -29.28
N ILE A 90 12.78 -13.91 -28.30
CA ILE A 90 13.72 -13.86 -27.20
C ILE A 90 13.68 -15.16 -26.40
N ILE A 91 12.50 -15.61 -26.03
CA ILE A 91 12.36 -16.85 -25.31
C ILE A 91 12.89 -18.00 -26.19
N ASN A 92 12.49 -18.01 -27.47
CA ASN A 92 12.93 -19.05 -28.39
C ASN A 92 14.46 -19.11 -28.43
N SER A 93 15.12 -17.95 -28.36
CA SER A 93 16.57 -17.88 -28.44
C SER A 93 17.22 -18.62 -27.26
N CYS A 94 16.57 -18.59 -26.09
CA CYS A 94 17.05 -19.31 -24.93
C CYS A 94 16.93 -20.81 -25.16
N PHE A 95 15.77 -21.28 -25.64
CA PHE A 95 15.59 -22.69 -25.94
C PHE A 95 16.55 -23.15 -27.06
N ARG A 96 16.86 -22.29 -28.03
CA ARG A 96 17.71 -22.67 -29.15
C ARG A 96 19.15 -22.86 -28.64
N ALA A 97 19.61 -21.95 -27.77
CA ALA A 97 20.97 -22.01 -27.29
C ALA A 97 21.13 -23.11 -26.24
N PHE A 98 20.16 -23.27 -25.32
CA PHE A 98 20.42 -24.01 -24.08
C PHE A 98 19.43 -25.15 -23.88
N GLY A 99 18.38 -25.24 -24.70
CA GLY A 99 17.42 -26.32 -24.60
C GLY A 99 16.41 -26.15 -23.46
N ARG A 100 16.46 -25.01 -22.77
CA ARG A 100 15.55 -24.77 -21.65
C ARG A 100 15.53 -23.27 -21.34
N CYS A 101 14.53 -22.85 -20.55
CA CYS A 101 14.45 -21.49 -20.05
C CYS A 101 13.84 -21.49 -18.64
N ASP A 102 14.71 -21.29 -17.63
CA ASP A 102 14.31 -21.45 -16.23
C ASP A 102 13.92 -20.12 -15.60
N VAL A 103 14.63 -19.04 -15.98
CA VAL A 103 14.48 -17.73 -15.36
C VAL A 103 14.37 -16.66 -16.43
N LEU A 104 13.42 -15.72 -16.22
CA LEU A 104 13.29 -14.50 -17.00
C LEU A 104 13.46 -13.30 -16.07
N VAL A 105 14.38 -12.39 -16.41
CA VAL A 105 14.53 -11.16 -15.69
C VAL A 105 14.16 -10.02 -16.64
N ASN A 106 13.07 -9.30 -16.32
CA ASN A 106 12.64 -8.14 -17.09
C ASN A 106 13.30 -6.89 -16.51
N ASN A 107 14.39 -6.48 -17.18
CA ASN A 107 15.26 -5.42 -16.72
C ASN A 107 15.23 -4.24 -17.69
N ALA A 108 15.18 -4.49 -19.02
CA ALA A 108 15.25 -3.42 -19.99
C ALA A 108 14.15 -2.40 -19.73
N SER A 109 14.51 -1.12 -19.90
CA SER A 109 13.62 -0.04 -19.54
C SER A 109 14.05 1.29 -20.18
N ALA A 110 13.09 1.94 -20.85
CA ALA A 110 13.29 3.32 -21.29
C ALA A 110 12.89 4.23 -20.14
N PHE A 111 13.59 5.36 -20.02
CA PHE A 111 13.44 6.25 -18.90
C PHE A 111 13.75 7.67 -19.33
N TYR A 112 12.73 8.52 -19.38
CA TYR A 112 12.93 9.93 -19.69
C TYR A 112 11.62 10.66 -19.38
N PRO A 113 11.68 11.99 -19.18
CA PRO A 113 10.49 12.76 -18.83
C PRO A 113 9.52 12.92 -20.00
N THR A 114 8.22 13.02 -19.64
CA THR A 114 7.13 13.29 -20.56
C THR A 114 6.19 14.29 -19.89
N PRO A 115 6.56 15.59 -19.83
CA PRO A 115 5.75 16.59 -19.12
C PRO A 115 4.33 16.65 -19.66
N LEU A 116 3.38 16.84 -18.74
CA LEU A 116 1.97 16.95 -19.11
C LEU A 116 1.69 18.32 -19.74
N VAL A 117 2.42 19.35 -19.30
CA VAL A 117 2.25 20.69 -19.85
C VAL A 117 3.55 21.19 -20.47
N GLN A 118 3.47 21.63 -21.74
CA GLN A 118 4.52 22.38 -22.40
C GLN A 118 4.19 23.87 -22.24
N GLY A 127 12.75 15.66 -30.03
CA GLY A 127 11.40 15.87 -30.60
C GLY A 127 10.75 14.53 -30.97
N LYS A 128 10.62 13.63 -29.99
CA LYS A 128 9.84 12.41 -30.17
C LYS A 128 8.35 12.74 -30.13
N THR A 129 7.57 12.06 -30.96
CA THR A 129 6.12 12.18 -30.91
C THR A 129 5.62 11.53 -29.60
N VAL A 130 4.42 11.91 -29.17
CA VAL A 130 3.87 11.30 -27.98
C VAL A 130 3.54 9.83 -28.26
N GLU A 131 3.18 9.49 -29.51
CA GLU A 131 2.97 8.10 -29.91
C GLU A 131 4.23 7.25 -29.63
N THR A 132 5.40 7.82 -29.93
CA THR A 132 6.68 7.13 -29.72
C THR A 132 7.00 7.05 -28.22
N GLN A 133 6.73 8.12 -27.47
CA GLN A 133 7.01 8.11 -26.04
C GLN A 133 6.17 7.02 -25.36
N VAL A 134 4.89 6.94 -25.73
CA VAL A 134 4.02 5.92 -25.17
C VAL A 134 4.59 4.55 -25.52
N ALA A 135 4.90 4.32 -26.80
CA ALA A 135 5.35 3.04 -27.26
C ALA A 135 6.62 2.61 -26.53
N GLU A 136 7.58 3.50 -26.32
CA GLU A 136 8.85 3.15 -25.70
C GLU A 136 8.71 2.99 -24.19
N LEU A 137 8.05 3.94 -23.52
CA LEU A 137 7.99 3.90 -22.06
C LEU A 137 7.03 2.82 -21.58
N ILE A 138 5.86 2.69 -22.20
CA ILE A 138 4.92 1.65 -21.78
C ILE A 138 5.33 0.29 -22.36
N GLY A 139 5.89 0.29 -23.57
CA GLY A 139 6.36 -0.95 -24.17
C GLY A 139 7.46 -1.63 -23.36
N THR A 140 8.52 -0.87 -23.04
CA THR A 140 9.67 -1.48 -22.41
C THR A 140 9.35 -1.84 -20.96
N ASN A 141 8.58 -0.98 -20.27
CA ASN A 141 8.42 -1.14 -18.84
C ASN A 141 7.27 -2.08 -18.49
N ALA A 142 6.32 -2.31 -19.41
CA ALA A 142 5.12 -3.06 -19.08
C ALA A 142 4.71 -4.08 -20.15
N ILE A 143 4.53 -3.64 -21.40
CA ILE A 143 3.96 -4.54 -22.40
C ILE A 143 4.96 -5.65 -22.73
N ALA A 144 6.22 -5.31 -22.97
CA ALA A 144 7.23 -6.32 -23.30
C ALA A 144 7.35 -7.33 -22.15
N PRO A 145 7.46 -6.90 -20.86
CA PRO A 145 7.39 -7.86 -19.77
C PRO A 145 6.17 -8.79 -19.81
N PHE A 146 5.01 -8.26 -20.15
CA PHE A 146 3.79 -9.06 -20.25
C PHE A 146 3.94 -10.13 -21.34
N LEU A 147 4.44 -9.71 -22.51
CA LEU A 147 4.52 -10.61 -23.65
C LEU A 147 5.63 -11.64 -23.42
N LEU A 148 6.74 -11.23 -22.81
CA LEU A 148 7.81 -12.16 -22.46
C LEU A 148 7.32 -13.18 -21.45
N THR A 149 6.49 -12.71 -20.50
CA THR A 149 5.89 -13.58 -19.50
C THR A 149 5.00 -14.62 -20.18
N MET A 150 4.14 -14.17 -21.10
CA MET A 150 3.27 -15.06 -21.86
C MET A 150 4.13 -16.12 -22.57
N SER A 151 5.16 -15.69 -23.28
CA SER A 151 5.98 -16.60 -24.08
C SER A 151 6.75 -17.57 -23.18
N PHE A 152 7.27 -17.06 -22.06
CA PHE A 152 7.98 -17.87 -21.09
C PHE A 152 7.06 -18.98 -20.59
N ALA A 153 5.84 -18.60 -20.19
CA ALA A 153 4.90 -19.55 -19.64
C ALA A 153 4.42 -20.56 -20.69
N GLN A 154 4.15 -20.10 -21.90
CA GLN A 154 3.67 -20.95 -22.98
C GLN A 154 4.67 -22.08 -23.25
N ARG A 155 5.98 -21.79 -23.20
CA ARG A 155 7.01 -22.77 -23.53
C ARG A 155 7.27 -23.77 -22.40
N GLN A 156 6.76 -23.55 -21.18
CA GLN A 156 6.92 -24.54 -20.13
C GLN A 156 5.81 -25.59 -20.28
N SER A 166 12.83 -28.63 -10.72
CA SER A 166 12.76 -27.35 -11.48
C SER A 166 12.42 -26.17 -10.55
N ASN A 167 13.02 -25.03 -10.85
CA ASN A 167 12.77 -23.83 -10.08
C ASN A 167 12.59 -22.67 -11.05
N LEU A 168 11.38 -22.59 -11.61
CA LEU A 168 11.06 -21.62 -12.66
C LEU A 168 10.63 -20.31 -12.01
N SER A 169 11.19 -19.18 -12.45
CA SER A 169 10.72 -17.91 -11.91
C SER A 169 11.01 -16.74 -12.84
N ILE A 170 10.23 -15.69 -12.62
CA ILE A 170 10.36 -14.41 -13.30
C ILE A 170 10.66 -13.35 -12.25
N VAL A 171 11.60 -12.44 -12.57
CA VAL A 171 11.90 -11.33 -11.69
C VAL A 171 11.78 -10.04 -12.52
N ASN A 172 10.90 -9.13 -12.07
CA ASN A 172 10.68 -7.86 -12.75
C ASN A 172 11.42 -6.76 -12.01
N LEU A 173 12.15 -5.94 -12.76
CA LEU A 173 12.80 -4.79 -12.14
C LEU A 173 11.79 -3.64 -12.06
N CYS A 174 11.38 -3.38 -10.82
CA CYS A 174 10.32 -2.44 -10.51
C CYS A 174 10.98 -1.13 -10.08
N ASP A 175 10.35 -0.36 -9.20
CA ASP A 175 10.87 0.95 -8.81
C ASP A 175 10.31 1.27 -7.44
N ALA A 176 11.19 1.40 -6.44
CA ALA A 176 10.75 1.64 -5.08
C ALA A 176 10.00 2.96 -4.94
N MET A 177 10.22 3.90 -5.89
CA MET A 177 9.67 5.23 -5.78
C MET A 177 8.39 5.40 -6.62
N VAL A 178 7.69 4.30 -6.96
CA VAL A 178 6.53 4.40 -7.84
C VAL A 178 5.43 5.26 -7.23
N ASP A 179 5.33 5.31 -5.91
CA ASP A 179 4.28 6.10 -5.27
C ASP A 179 4.77 7.45 -4.78
N GLN A 180 6.03 7.81 -5.08
CA GLN A 180 6.55 9.14 -4.80
C GLN A 180 7.28 9.60 -6.06
N PRO A 181 6.54 9.78 -7.16
CA PRO A 181 7.15 9.84 -8.48
C PRO A 181 7.92 11.14 -8.73
N CYS A 182 8.87 11.04 -9.65
CA CYS A 182 9.63 12.19 -10.12
C CYS A 182 8.72 13.07 -10.98
N MET A 183 8.78 14.40 -10.74
CA MET A 183 8.01 15.38 -11.49
C MET A 183 8.22 15.19 -13.00
N ALA A 184 7.14 15.11 -13.78
CA ALA A 184 7.15 15.07 -15.25
C ALA A 184 7.53 13.69 -15.82
N PHE A 185 7.47 12.63 -14.99
CA PHE A 185 7.78 11.28 -15.43
C PHE A 185 6.52 10.40 -15.44
N SER A 186 5.36 10.96 -15.83
CA SER A 186 4.10 10.25 -15.70
C SER A 186 4.06 8.97 -16.55
N LEU A 187 4.54 8.96 -17.80
CA LEU A 187 4.43 7.74 -18.61
C LEU A 187 5.38 6.67 -18.08
N TYR A 188 6.62 7.05 -17.71
CA TYR A 188 7.52 6.10 -17.09
C TYR A 188 6.85 5.49 -15.85
N ASN A 189 6.26 6.35 -15.02
CA ASN A 189 5.68 5.92 -13.77
C ASN A 189 4.48 4.99 -14.03
N MET A 190 3.69 5.31 -15.05
CA MET A 190 2.56 4.47 -15.43
C MET A 190 3.04 3.07 -15.79
N GLY A 191 4.15 3.02 -16.53
CA GLY A 191 4.78 1.80 -16.96
C GLY A 191 5.21 0.93 -15.77
N LYS A 192 5.87 1.53 -14.78
CA LYS A 192 6.32 0.81 -13.60
C LYS A 192 5.15 0.38 -12.74
N HIS A 193 4.08 1.19 -12.67
CA HIS A 193 2.90 0.76 -11.95
C HIS A 193 2.25 -0.44 -12.61
N ALA A 194 2.15 -0.41 -13.95
CA ALA A 194 1.62 -1.53 -14.71
C ALA A 194 2.46 -2.78 -14.44
N LEU A 195 3.78 -2.63 -14.30
CA LEU A 195 4.66 -3.77 -14.04
C LEU A 195 4.38 -4.39 -12.67
N VAL A 196 4.05 -3.56 -11.66
CA VAL A 196 3.58 -4.08 -10.37
C VAL A 196 2.36 -4.96 -10.59
N GLY A 197 1.39 -4.44 -11.33
CA GLY A 197 0.16 -5.18 -11.66
C GLY A 197 0.46 -6.53 -12.29
N LEU A 198 1.37 -6.52 -13.27
CA LEU A 198 1.76 -7.75 -13.95
C LEU A 198 2.40 -8.71 -12.96
N THR A 199 3.32 -8.20 -12.13
CA THR A 199 4.00 -9.03 -11.14
C THR A 199 2.96 -9.82 -10.34
N GLN A 200 1.93 -9.11 -9.86
CA GLN A 200 0.94 -9.70 -9.00
C GLN A 200 -0.01 -10.63 -9.77
N SER A 201 -0.54 -10.15 -10.91
CA SER A 201 -1.44 -10.93 -11.77
C SER A 201 -0.76 -12.21 -12.23
N ALA A 202 0.48 -12.08 -12.72
CA ALA A 202 1.19 -13.24 -13.25
C ALA A 202 1.58 -14.21 -12.12
N ALA A 203 1.92 -13.71 -10.92
CA ALA A 203 2.19 -14.62 -9.80
C ALA A 203 1.00 -15.55 -9.59
N LEU A 204 -0.19 -14.94 -9.52
CA LEU A 204 -1.42 -15.66 -9.29
C LEU A 204 -1.71 -16.67 -10.39
N GLU A 205 -1.61 -16.24 -11.64
CA GLU A 205 -2.02 -17.05 -12.78
C GLU A 205 -1.01 -18.17 -13.06
N LEU A 206 0.27 -17.96 -12.79
CA LEU A 206 1.29 -18.95 -13.12
C LEU A 206 1.67 -19.84 -11.94
N ALA A 207 1.14 -19.55 -10.74
CA ALA A 207 1.43 -20.36 -9.56
C ALA A 207 1.08 -21.82 -9.81
N PRO A 208 -0.07 -22.17 -10.44
CA PRO A 208 -0.39 -23.56 -10.74
C PRO A 208 0.65 -24.28 -11.60
N TYR A 209 1.46 -23.55 -12.37
CA TYR A 209 2.53 -24.15 -13.17
C TYR A 209 3.84 -24.20 -12.41
N GLY A 210 3.85 -23.77 -11.14
CA GLY A 210 5.11 -23.72 -10.39
C GLY A 210 6.02 -22.58 -10.85
N ILE A 211 5.48 -21.57 -11.55
CA ILE A 211 6.31 -20.43 -11.91
C ILE A 211 6.08 -19.31 -10.90
N ARG A 212 7.16 -18.88 -10.23
CA ARG A 212 7.07 -17.77 -9.28
C ARG A 212 7.33 -16.48 -10.03
N VAL A 213 6.69 -15.39 -9.59
CA VAL A 213 6.84 -14.08 -10.22
C VAL A 213 7.01 -13.05 -9.12
N ASN A 214 8.16 -12.36 -9.13
CA ASN A 214 8.49 -11.44 -8.06
C ASN A 214 9.13 -10.21 -8.66
N GLY A 215 9.38 -9.20 -7.82
CA GLY A 215 10.05 -8.01 -8.29
C GLY A 215 11.16 -7.58 -7.35
N VAL A 216 12.08 -6.80 -7.93
CA VAL A 216 13.10 -6.10 -7.18
C VAL A 216 12.94 -4.62 -7.52
N ALA A 217 12.86 -3.78 -6.49
CA ALA A 217 12.52 -2.39 -6.65
C ALA A 217 13.67 -1.51 -6.13
N PRO A 218 14.59 -1.07 -7.01
CA PRO A 218 15.63 -0.12 -6.59
C PRO A 218 15.07 1.26 -6.23
N GLY A 219 15.81 2.00 -5.39
CA GLY A 219 15.56 3.41 -5.22
C GLY A 219 16.48 4.23 -6.10
N VAL A 220 17.59 4.69 -5.51
CA VAL A 220 18.71 5.23 -6.26
C VAL A 220 19.76 4.13 -6.39
N SER A 221 19.95 3.65 -7.62
CA SER A 221 21.08 2.81 -7.96
C SER A 221 21.93 3.63 -8.95
N LEU A 222 22.48 2.97 -9.95
CA LEU A 222 23.42 3.62 -10.87
C LEU A 222 22.77 4.83 -11.52
N LEU A 223 23.39 5.99 -11.33
CA LEU A 223 22.85 7.24 -11.79
C LEU A 223 23.10 7.35 -13.30
N PRO A 224 22.33 8.17 -14.05
CA PRO A 224 22.52 8.27 -15.50
C PRO A 224 23.94 8.75 -15.83
N VAL A 225 24.55 8.20 -16.89
CA VAL A 225 25.93 8.51 -17.23
C VAL A 225 26.07 10.01 -17.49
N ALA A 226 25.02 10.63 -18.06
CA ALA A 226 25.03 12.01 -18.48
C ALA A 226 24.78 12.99 -17.33
N MET A 227 24.45 12.52 -16.13
CA MET A 227 24.13 13.41 -15.03
C MET A 227 25.42 13.98 -14.46
N GLY A 228 25.43 15.28 -14.14
CA GLY A 228 26.57 15.91 -13.50
C GLY A 228 26.76 15.44 -12.07
N GLU A 229 28.00 15.49 -11.59
CA GLU A 229 28.36 15.02 -10.25
C GLU A 229 27.58 15.77 -9.17
N GLU A 230 27.28 17.06 -9.40
CA GLU A 230 26.62 17.86 -8.40
C GLU A 230 25.19 17.33 -8.18
N GLU A 231 24.51 17.02 -9.28
CA GLU A 231 23.17 16.44 -9.19
C GLU A 231 23.22 15.02 -8.60
N LYS A 232 24.20 14.20 -9.02
CA LYS A 232 24.34 12.86 -8.47
C LYS A 232 24.43 12.91 -6.96
N ASP A 233 25.24 13.85 -6.43
CA ASP A 233 25.44 13.95 -5.00
C ASP A 233 24.16 14.41 -4.29
N LYS A 234 23.36 15.25 -4.95
CA LYS A 234 22.07 15.67 -4.40
C LYS A 234 21.20 14.42 -4.11
N TRP A 235 21.10 13.50 -5.07
CA TRP A 235 20.26 12.33 -4.91
C TRP A 235 20.90 11.32 -3.94
N ARG A 236 22.23 11.16 -4.00
CA ARG A 236 22.91 10.24 -3.10
C ARG A 236 22.65 10.60 -1.64
N ARG A 237 22.72 11.90 -1.34
CA ARG A 237 22.62 12.37 0.02
C ARG A 237 21.19 12.23 0.57
N LYS A 238 20.21 11.85 -0.24
CA LYS A 238 18.85 11.63 0.26
C LYS A 238 18.68 10.22 0.84
N VAL A 239 19.62 9.32 0.57
CA VAL A 239 19.45 7.94 0.96
C VAL A 239 19.84 7.76 2.43
N PRO A 240 18.90 7.33 3.31
CA PRO A 240 19.21 7.15 4.72
C PRO A 240 20.34 6.17 5.00
N LEU A 241 20.36 5.02 4.33
CA LEU A 241 21.35 4.02 4.64
C LEU A 241 22.60 4.27 3.80
N GLY A 242 23.52 5.09 4.34
CA GLY A 242 24.85 5.24 3.77
C GLY A 242 25.00 6.46 2.85
N ARG A 243 23.90 7.17 2.53
CA ARG A 243 23.96 8.37 1.69
C ARG A 243 24.69 8.09 0.38
N ARG A 244 24.39 6.94 -0.22
CA ARG A 244 25.00 6.52 -1.47
C ARG A 244 23.96 5.71 -2.23
N GLU A 245 24.17 5.60 -3.55
CA GLU A 245 23.36 4.77 -4.42
C GLU A 245 23.72 3.31 -4.22
N ALA A 246 22.77 2.42 -4.53
CA ALA A 246 23.03 0.99 -4.57
C ALA A 246 23.94 0.70 -5.75
N SER A 247 24.91 -0.19 -5.50
CA SER A 247 25.70 -0.77 -6.57
C SER A 247 24.80 -1.69 -7.39
N ALA A 248 25.23 -1.96 -8.62
CA ALA A 248 24.49 -2.86 -9.47
C ALA A 248 24.49 -4.25 -8.85
N GLU A 249 25.60 -4.60 -8.19
CA GLU A 249 25.72 -5.89 -7.53
C GLU A 249 24.71 -6.06 -6.39
N GLN A 250 24.45 -4.98 -5.65
CA GLN A 250 23.47 -5.04 -4.55
C GLN A 250 22.06 -5.33 -5.09
N ILE A 251 21.71 -4.73 -6.23
CA ILE A 251 20.45 -5.03 -6.89
C ILE A 251 20.45 -6.48 -7.31
N ALA A 252 21.55 -6.92 -7.95
CA ALA A 252 21.63 -8.27 -8.45
C ALA A 252 21.47 -9.29 -7.31
N ASP A 253 22.02 -8.97 -6.13
CA ASP A 253 21.92 -9.88 -4.97
C ASP A 253 20.46 -10.25 -4.66
N ALA A 254 19.55 -9.27 -4.79
CA ALA A 254 18.14 -9.51 -4.45
C ALA A 254 17.50 -10.40 -5.53
N VAL A 255 17.93 -10.22 -6.79
CA VAL A 255 17.48 -11.07 -7.89
C VAL A 255 17.91 -12.51 -7.64
N ILE A 256 19.20 -12.69 -7.31
CA ILE A 256 19.73 -14.01 -7.03
C ILE A 256 18.96 -14.69 -5.89
N PHE A 257 18.64 -13.93 -4.84
CA PHE A 257 17.83 -14.49 -3.77
C PHE A 257 16.49 -15.01 -4.31
N LEU A 258 15.77 -14.17 -5.07
CA LEU A 258 14.43 -14.53 -5.50
C LEU A 258 14.42 -15.72 -6.46
N VAL A 259 15.45 -15.91 -7.26
CA VAL A 259 15.47 -17.08 -8.14
C VAL A 259 15.96 -18.34 -7.41
N SER A 260 16.54 -18.20 -6.21
CA SER A 260 17.13 -19.32 -5.46
C SER A 260 16.08 -20.21 -4.80
N GLY A 261 16.57 -21.37 -4.31
CA GLY A 261 15.79 -22.27 -3.49
C GLY A 261 15.40 -21.66 -2.13
N SER A 262 16.07 -20.58 -1.73
CA SER A 262 15.74 -19.92 -0.47
C SER A 262 14.46 -19.08 -0.58
N ALA A 263 13.92 -18.93 -1.82
CA ALA A 263 12.71 -18.16 -2.04
C ALA A 263 11.60 -18.99 -2.66
N GLN A 264 11.63 -20.31 -2.42
CA GLN A 264 10.73 -21.21 -3.12
C GLN A 264 9.27 -21.05 -2.75
N TYR A 265 8.96 -20.39 -1.63
CA TYR A 265 7.56 -20.13 -1.29
C TYR A 265 7.16 -18.69 -1.61
N ILE A 266 8.11 -17.89 -2.12
CA ILE A 266 7.88 -16.48 -2.40
C ILE A 266 7.40 -16.28 -3.82
N THR A 267 6.19 -15.72 -3.94
CA THR A 267 5.66 -15.27 -5.22
C THR A 267 4.73 -14.08 -4.99
N GLY A 268 4.72 -13.18 -5.98
CA GLY A 268 3.93 -11.97 -5.89
C GLY A 268 4.57 -10.89 -5.01
N SER A 269 5.83 -11.07 -4.64
CA SER A 269 6.47 -10.17 -3.68
C SER A 269 7.39 -9.21 -4.44
N ILE A 270 7.44 -7.96 -3.99
CA ILE A 270 8.38 -6.98 -4.54
C ILE A 270 9.29 -6.49 -3.42
N ILE A 271 10.58 -6.82 -3.53
CA ILE A 271 11.55 -6.48 -2.51
C ILE A 271 12.17 -5.14 -2.86
N LYS A 272 11.99 -4.15 -1.98
CA LYS A 272 12.69 -2.87 -2.11
C LYS A 272 14.15 -3.06 -1.76
N VAL A 273 15.02 -2.48 -2.60
CA VAL A 273 16.44 -2.39 -2.32
C VAL A 273 16.83 -0.92 -2.49
N ASP A 274 16.44 -0.12 -1.50
CA ASP A 274 16.41 1.31 -1.64
C ASP A 274 17.07 2.07 -0.48
N GLY A 275 17.69 1.35 0.46
CA GLY A 275 18.37 2.01 1.57
C GLY A 275 17.46 2.92 2.39
N GLY A 276 16.15 2.67 2.36
CA GLY A 276 15.18 3.46 3.11
C GLY A 276 14.64 4.68 2.39
N LEU A 277 15.02 4.89 1.12
CA LEU A 277 14.67 6.12 0.42
C LEU A 277 13.15 6.34 0.35
N SER A 278 12.39 5.26 0.10
CA SER A 278 10.95 5.37 -0.07
C SER A 278 10.25 5.78 1.24
N LEU A 279 10.93 5.71 2.37
CA LEU A 279 10.33 6.05 3.65
C LEU A 279 10.55 7.51 4.03
N VAL A 280 11.32 8.26 3.24
CA VAL A 280 11.73 9.62 3.59
C VAL A 280 10.68 10.61 3.09
N HIS A 281 10.13 11.41 4.00
CA HIS A 281 9.16 12.43 3.66
C HIS A 281 9.82 13.61 2.93
N ALA A 282 8.99 14.48 2.35
CA ALA A 282 9.40 15.68 1.65
C ALA A 282 10.27 16.64 2.50
N GLU B 16 35.65 -13.72 15.30
CA GLU B 16 34.68 -13.96 16.41
C GLU B 16 33.24 -13.94 15.86
N ALA B 17 32.42 -14.85 16.38
CA ALA B 17 31.12 -15.17 15.79
C ALA B 17 30.12 -14.08 16.17
N PRO B 18 29.26 -13.61 15.24
CA PRO B 18 28.20 -12.67 15.60
C PRO B 18 27.18 -13.36 16.50
N ALA B 19 26.31 -12.57 17.14
CA ALA B 19 25.31 -13.12 18.04
C ALA B 19 23.92 -12.56 17.70
N ALA B 20 22.90 -13.37 17.92
CA ALA B 20 21.52 -13.03 17.63
C ALA B 20 20.63 -13.35 18.83
N VAL B 21 19.63 -12.47 19.06
CA VAL B 21 18.49 -12.74 19.91
C VAL B 21 17.29 -13.10 19.05
N VAL B 22 16.63 -14.21 19.37
CA VAL B 22 15.38 -14.59 18.74
C VAL B 22 14.33 -14.75 19.83
N THR B 23 13.26 -13.95 19.77
CA THR B 23 12.22 -14.04 20.79
C THR B 23 11.28 -15.17 20.40
N GLY B 24 10.71 -15.82 21.42
CA GLY B 24 9.81 -16.95 21.21
C GLY B 24 10.45 -18.05 20.37
N ALA B 25 11.68 -18.44 20.72
CA ALA B 25 12.50 -19.30 19.86
C ALA B 25 12.45 -20.77 20.25
N ALA B 26 11.63 -21.15 21.24
CA ALA B 26 11.65 -22.53 21.71
C ALA B 26 10.98 -23.48 20.73
N LYS B 27 10.02 -22.97 19.95
CA LYS B 27 9.20 -23.82 19.12
C LYS B 27 8.95 -23.19 17.74
N ARG B 28 8.48 -24.03 16.80
CA ARG B 28 7.83 -23.57 15.57
C ARG B 28 8.75 -22.62 14.80
N ILE B 29 8.24 -21.46 14.36
CA ILE B 29 8.98 -20.62 13.45
C ILE B 29 10.23 -20.04 14.13
N GLY B 30 10.08 -19.58 15.38
CA GLY B 30 11.23 -19.01 16.07
C GLY B 30 12.37 -20.03 16.25
N ARG B 31 12.00 -21.30 16.50
CA ARG B 31 12.98 -22.36 16.65
C ARG B 31 13.75 -22.54 15.34
N ALA B 32 13.04 -22.57 14.21
CA ALA B 32 13.65 -22.78 12.92
C ALA B 32 14.59 -21.62 12.60
N ILE B 33 14.21 -20.41 13.01
CA ILE B 33 15.03 -19.22 12.81
C ILE B 33 16.31 -19.35 13.61
N ALA B 34 16.19 -19.71 14.89
CA ALA B 34 17.35 -19.86 15.75
C ALA B 34 18.30 -20.93 15.17
N VAL B 35 17.74 -22.06 14.75
CA VAL B 35 18.54 -23.15 14.18
C VAL B 35 19.28 -22.66 12.94
N LYS B 36 18.59 -21.96 12.04
CA LYS B 36 19.22 -21.54 10.80
C LYS B 36 20.27 -20.46 11.06
N LEU B 37 20.04 -19.56 12.02
CA LEU B 37 21.04 -18.55 12.35
C LEU B 37 22.29 -19.27 12.91
N HIS B 38 22.07 -20.25 13.77
CA HIS B 38 23.15 -21.03 14.36
C HIS B 38 23.95 -21.74 13.28
N GLN B 39 23.25 -22.38 12.33
CA GLN B 39 23.90 -23.06 11.19
C GLN B 39 24.69 -22.09 10.34
N THR B 40 24.31 -20.81 10.32
CA THR B 40 24.99 -19.78 9.54
C THR B 40 26.19 -19.24 10.29
N GLY B 41 26.37 -19.59 11.57
CA GLY B 41 27.54 -19.18 12.31
C GLY B 41 27.24 -18.21 13.46
N TYR B 42 25.95 -17.94 13.74
CA TYR B 42 25.62 -17.08 14.87
C TYR B 42 25.61 -17.88 16.19
N ARG B 43 26.01 -17.20 17.25
CA ARG B 43 25.65 -17.56 18.61
C ARG B 43 24.26 -16.98 18.90
N VAL B 44 23.42 -17.70 19.68
CA VAL B 44 22.02 -17.34 19.79
C VAL B 44 21.56 -17.26 21.25
N VAL B 45 20.74 -16.25 21.55
CA VAL B 45 19.91 -16.22 22.74
C VAL B 45 18.53 -16.68 22.34
N ILE B 46 18.11 -17.80 22.94
CA ILE B 46 16.79 -18.39 22.78
C ILE B 46 15.87 -17.82 23.86
N HIS B 47 15.05 -16.83 23.51
CA HIS B 47 14.08 -16.29 24.45
C HIS B 47 12.86 -17.20 24.45
N TYR B 48 12.26 -17.34 25.63
CA TYR B 48 11.04 -18.13 25.79
C TYR B 48 10.22 -17.51 26.93
N HIS B 49 8.95 -17.90 27.02
CA HIS B 49 8.06 -17.45 28.07
C HIS B 49 7.70 -18.66 28.93
N ASN B 50 6.84 -19.56 28.42
CA ASN B 50 6.43 -20.75 29.15
C ASN B 50 7.21 -22.00 28.75
N SER B 51 7.84 -22.02 27.56
CA SER B 51 8.36 -23.26 26.99
C SER B 51 9.80 -23.52 27.41
N ALA B 52 10.03 -23.67 28.71
CA ALA B 52 11.36 -23.82 29.28
C ALA B 52 12.02 -25.11 28.80
N GLU B 53 11.29 -26.22 28.81
CA GLU B 53 11.88 -27.51 28.49
C GLU B 53 12.29 -27.53 27.02
N ALA B 54 11.43 -27.01 26.14
CA ALA B 54 11.78 -26.94 24.73
C ALA B 54 12.94 -25.94 24.48
N ALA B 55 12.99 -24.83 25.21
CA ALA B 55 14.07 -23.86 25.02
C ALA B 55 15.43 -24.48 25.38
N VAL B 56 15.47 -25.14 26.55
CA VAL B 56 16.69 -25.74 27.05
C VAL B 56 17.13 -26.88 26.13
N SER B 57 16.18 -27.69 25.68
CA SER B 57 16.46 -28.76 24.75
C SER B 57 17.11 -28.22 23.46
N LEU B 58 16.62 -27.09 22.96
CA LEU B 58 17.22 -26.50 21.78
C LEU B 58 18.64 -25.99 22.09
N ALA B 59 18.81 -25.32 23.23
CA ALA B 59 20.13 -24.80 23.58
C ALA B 59 21.13 -25.96 23.71
N ASP B 60 20.67 -27.09 24.25
CA ASP B 60 21.56 -28.24 24.47
C ASP B 60 22.00 -28.81 23.12
N GLU B 61 21.05 -28.91 22.18
CA GLU B 61 21.34 -29.36 20.83
C GLU B 61 22.35 -28.43 20.16
N LEU B 62 22.16 -27.12 20.26
CA LEU B 62 23.05 -26.18 19.60
C LEU B 62 24.44 -26.17 20.25
N ASN B 63 24.52 -26.29 21.58
CA ASN B 63 25.81 -26.29 22.25
C ASN B 63 26.58 -27.60 22.03
N LYS B 64 25.85 -28.70 21.81
CA LYS B 64 26.45 -29.97 21.41
C LYS B 64 27.09 -29.83 20.04
N GLU B 65 26.47 -29.05 19.13
CA GLU B 65 27.07 -28.77 17.83
C GLU B 65 28.31 -27.89 17.98
N ARG B 66 28.23 -26.79 18.72
CA ARG B 66 29.38 -25.92 18.99
C ARG B 66 29.26 -25.41 20.40
N SER B 67 30.29 -25.67 21.23
CA SER B 67 30.25 -25.33 22.65
C SER B 67 30.08 -23.83 22.88
N ASN B 68 29.27 -23.47 23.89
CA ASN B 68 29.13 -22.09 24.33
C ASN B 68 28.60 -21.19 23.22
N THR B 69 27.64 -21.68 22.44
CA THR B 69 27.08 -20.87 21.38
C THR B 69 25.57 -20.61 21.55
N ALA B 70 24.94 -21.12 22.63
CA ALA B 70 23.52 -20.91 22.84
C ALA B 70 23.24 -20.74 24.32
N VAL B 71 22.40 -19.74 24.66
CA VAL B 71 21.85 -19.59 26.00
C VAL B 71 20.35 -19.35 25.87
N VAL B 72 19.63 -19.54 26.97
CA VAL B 72 18.21 -19.25 27.03
C VAL B 72 17.99 -18.01 27.89
N CYS B 73 16.83 -17.37 27.67
CA CYS B 73 16.46 -16.16 28.40
C CYS B 73 14.93 -16.11 28.54
N GLN B 74 14.44 -16.10 29.77
CA GLN B 74 13.01 -16.19 30.06
C GLN B 74 12.46 -14.78 30.26
N ALA B 75 11.33 -14.47 29.61
CA ALA B 75 10.61 -13.24 29.87
C ALA B 75 9.19 -13.30 29.29
N ASP B 76 8.25 -12.77 30.08
CA ASP B 76 6.92 -12.40 29.62
C ASP B 76 7.03 -11.07 28.87
N LEU B 77 6.46 -11.01 27.65
CA LEU B 77 6.51 -9.81 26.84
C LEU B 77 5.16 -9.09 26.78
N THR B 78 4.23 -9.48 27.65
CA THR B 78 3.00 -8.74 27.90
C THR B 78 3.34 -7.31 28.29
N ASN B 79 2.52 -6.35 27.83
CA ASN B 79 2.72 -4.96 28.19
C ASN B 79 2.44 -4.78 29.69
N SER B 80 3.30 -4.02 30.38
CA SER B 80 3.25 -3.83 31.82
C SER B 80 4.27 -2.75 32.19
N ASN B 81 4.26 -2.37 33.46
CA ASN B 81 5.22 -1.43 34.01
C ASN B 81 6.65 -1.97 33.98
N VAL B 82 6.82 -3.29 33.94
CA VAL B 82 8.16 -3.89 33.98
C VAL B 82 8.65 -4.26 32.58
N LEU B 83 7.82 -4.13 31.54
CA LEU B 83 8.23 -4.64 30.24
C LEU B 83 9.52 -3.96 29.78
N PRO B 84 9.69 -2.62 29.91
CA PRO B 84 10.93 -1.99 29.47
C PRO B 84 12.18 -2.61 30.08
N ALA B 85 12.13 -2.90 31.40
CA ALA B 85 13.22 -3.55 32.09
C ALA B 85 13.43 -4.96 31.57
N SER B 86 12.34 -5.72 31.34
CA SER B 86 12.49 -7.07 30.80
C SER B 86 13.19 -7.06 29.44
N CYS B 87 12.85 -6.10 28.58
CA CYS B 87 13.40 -6.06 27.23
C CYS B 87 14.87 -5.63 27.27
N GLU B 88 15.19 -4.65 28.12
CA GLU B 88 16.58 -4.30 28.36
C GLU B 88 17.38 -5.52 28.81
N GLU B 89 16.78 -6.37 29.66
CA GLU B 89 17.50 -7.51 30.21
C GLU B 89 17.71 -8.58 29.15
N ILE B 90 16.78 -8.71 28.18
CA ILE B 90 16.95 -9.67 27.09
C ILE B 90 18.17 -9.29 26.27
N ILE B 91 18.27 -8.02 25.86
CA ILE B 91 19.42 -7.57 25.12
C ILE B 91 20.68 -7.74 25.98
N ASN B 92 20.62 -7.32 27.24
CA ASN B 92 21.77 -7.44 28.14
C ASN B 92 22.25 -8.89 28.22
N SER B 93 21.31 -9.86 28.18
CA SER B 93 21.68 -11.25 28.30
C SER B 93 22.55 -11.69 27.11
N CYS B 94 22.29 -11.12 25.91
CA CYS B 94 23.12 -11.39 24.74
C CYS B 94 24.54 -10.84 24.95
N PHE B 95 24.67 -9.59 25.41
CA PHE B 95 25.98 -9.01 25.67
C PHE B 95 26.72 -9.78 26.78
N ARG B 96 26.01 -10.26 27.79
CA ARG B 96 26.67 -10.94 28.89
C ARG B 96 27.18 -12.31 28.42
N ALA B 97 26.44 -13.00 27.56
CA ALA B 97 26.83 -14.32 27.10
C ALA B 97 27.92 -14.21 26.04
N PHE B 98 27.80 -13.27 25.11
CA PHE B 98 28.58 -13.33 23.87
C PHE B 98 29.40 -12.07 23.62
N GLY B 99 29.22 -11.03 24.43
CA GLY B 99 30.01 -9.81 24.31
C GLY B 99 29.57 -8.88 23.17
N ARG B 100 28.45 -9.23 22.51
CA ARG B 100 27.99 -8.46 21.37
C ARG B 100 26.54 -8.88 21.07
N CYS B 101 25.85 -8.03 20.29
CA CYS B 101 24.49 -8.34 19.82
C CYS B 101 24.31 -7.75 18.41
N ASP B 102 24.36 -8.63 17.41
CA ASP B 102 24.39 -8.21 16.01
C ASP B 102 22.98 -8.19 15.40
N VAL B 103 22.16 -9.17 15.79
CA VAL B 103 20.86 -9.39 15.16
C VAL B 103 19.80 -9.55 16.27
N LEU B 104 18.65 -8.91 16.05
CA LEU B 104 17.44 -9.10 16.84
C LEU B 104 16.32 -9.58 15.92
N VAL B 105 15.70 -10.70 16.27
CA VAL B 105 14.53 -11.20 15.55
C VAL B 105 13.33 -11.15 16.49
N ASN B 106 12.38 -10.26 16.19
CA ASN B 106 11.13 -10.17 16.94
C ASN B 106 10.10 -11.12 16.37
N ASN B 107 9.97 -12.27 17.06
CA ASN B 107 9.18 -13.38 16.59
C ASN B 107 8.04 -13.67 17.56
N ALA B 108 8.27 -13.58 18.88
CA ALA B 108 7.26 -13.96 19.86
C ALA B 108 5.98 -13.17 19.62
N SER B 109 4.83 -13.86 19.77
CA SER B 109 3.56 -13.27 19.42
C SER B 109 2.40 -14.02 20.06
N ALA B 110 1.51 -13.29 20.74
CA ALA B 110 0.23 -13.82 21.16
C ALA B 110 -0.75 -13.66 20.01
N PHE B 111 -1.66 -14.65 19.90
CA PHE B 111 -2.55 -14.72 18.77
C PHE B 111 -3.85 -15.40 19.22
N TYR B 112 -4.94 -14.66 19.27
CA TYR B 112 -6.25 -15.22 19.58
C TYR B 112 -7.29 -14.16 19.26
N PRO B 113 -8.58 -14.57 19.09
CA PRO B 113 -9.63 -13.62 18.73
C PRO B 113 -10.03 -12.72 19.88
N THR B 114 -10.45 -11.50 19.52
CA THR B 114 -10.96 -10.49 20.44
C THR B 114 -12.18 -9.84 19.79
N PRO B 115 -13.33 -10.52 19.75
CA PRO B 115 -14.51 -9.99 19.06
C PRO B 115 -14.91 -8.62 19.60
N LEU B 116 -15.37 -7.76 18.68
CA LEU B 116 -15.84 -6.43 19.04
C LEU B 116 -17.20 -6.53 19.74
N VAL B 117 -18.02 -7.52 19.34
CA VAL B 117 -19.35 -7.70 19.89
C VAL B 117 -19.47 -9.13 20.41
N GLN B 118 -20.02 -9.29 21.62
CA GLN B 118 -19.91 -10.54 22.36
C GLN B 118 -20.90 -11.61 21.84
N GLY B 127 -11.71 -16.42 30.09
CA GLY B 127 -12.29 -15.20 30.69
C GLY B 127 -11.20 -14.17 31.01
N LYS B 128 -10.36 -13.85 30.02
CA LYS B 128 -9.44 -12.73 30.15
C LYS B 128 -10.21 -11.42 30.03
N THR B 129 -9.80 -10.41 30.81
CA THR B 129 -10.36 -9.08 30.64
C THR B 129 -9.84 -8.49 29.34
N VAL B 130 -10.55 -7.49 28.83
CA VAL B 130 -10.12 -6.86 27.59
C VAL B 130 -8.80 -6.11 27.85
N GLU B 131 -8.60 -5.56 29.07
CA GLU B 131 -7.33 -4.90 29.36
C GLU B 131 -6.17 -5.91 29.29
N THR B 132 -6.40 -7.18 29.67
CA THR B 132 -5.38 -8.22 29.57
C THR B 132 -5.12 -8.59 28.10
N GLN B 133 -6.19 -8.71 27.31
CA GLN B 133 -6.03 -9.00 25.89
C GLN B 133 -5.22 -7.90 25.20
N VAL B 134 -5.51 -6.64 25.52
CA VAL B 134 -4.74 -5.54 25.01
C VAL B 134 -3.26 -5.73 25.38
N ALA B 135 -2.99 -5.94 26.67
CA ALA B 135 -1.63 -6.03 27.16
C ALA B 135 -0.88 -7.15 26.45
N GLU B 136 -1.50 -8.32 26.24
CA GLU B 136 -0.82 -9.46 25.65
C GLU B 136 -0.64 -9.30 24.13
N LEU B 137 -1.72 -8.94 23.44
CA LEU B 137 -1.69 -8.88 22.00
C LEU B 137 -0.89 -7.67 21.50
N ILE B 138 -1.06 -6.51 22.12
CA ILE B 138 -0.32 -5.33 21.69
C ILE B 138 1.09 -5.35 22.27
N GLY B 139 1.24 -5.89 23.49
CA GLY B 139 2.56 -6.02 24.07
C GLY B 139 3.49 -6.90 23.25
N THR B 140 3.05 -8.13 22.95
CA THR B 140 3.93 -9.08 22.28
C THR B 140 4.19 -8.66 20.84
N ASN B 141 3.16 -8.15 20.15
CA ASN B 141 3.26 -7.95 18.72
C ASN B 141 3.88 -6.60 18.37
N ALA B 142 3.87 -5.63 19.29
CA ALA B 142 4.28 -4.26 18.96
C ALA B 142 5.15 -3.61 20.03
N ILE B 143 4.68 -3.54 21.27
CA ILE B 143 5.40 -2.77 22.29
C ILE B 143 6.73 -3.45 22.64
N ALA B 144 6.73 -4.76 22.89
CA ALA B 144 7.97 -5.46 23.19
C ALA B 144 8.97 -5.32 22.05
N PRO B 145 8.58 -5.52 20.77
CA PRO B 145 9.49 -5.21 19.67
C PRO B 145 10.07 -3.80 19.70
N PHE B 146 9.25 -2.80 20.03
CA PHE B 146 9.71 -1.42 20.14
C PHE B 146 10.78 -1.30 21.23
N LEU B 147 10.52 -1.89 22.40
CA LEU B 147 11.40 -1.74 23.56
C LEU B 147 12.70 -2.51 23.32
N LEU B 148 12.59 -3.68 22.69
CA LEU B 148 13.77 -4.45 22.33
C LEU B 148 14.62 -3.68 21.32
N THR B 149 13.94 -3.03 20.36
CA THR B 149 14.61 -2.24 19.33
C THR B 149 15.37 -1.09 20.01
N MET B 150 14.73 -0.39 20.94
CA MET B 150 15.36 0.69 21.68
C MET B 150 16.61 0.17 22.39
N SER B 151 16.46 -0.94 23.13
CA SER B 151 17.55 -1.48 23.92
C SER B 151 18.69 -1.95 23.02
N PHE B 152 18.34 -2.61 21.90
CA PHE B 152 19.31 -3.06 20.93
C PHE B 152 20.12 -1.88 20.42
N ALA B 153 19.45 -0.81 20.02
CA ALA B 153 20.11 0.36 19.45
C ALA B 153 20.96 1.07 20.51
N GLN B 154 20.44 1.22 21.73
CA GLN B 154 21.15 1.90 22.80
C GLN B 154 22.50 1.24 23.08
N ARG B 155 22.55 -0.10 23.03
CA ARG B 155 23.74 -0.85 23.38
C ARG B 155 24.79 -0.85 22.27
N GLN B 156 24.46 -0.42 21.05
CA GLN B 156 25.49 -0.30 20.03
C GLN B 156 26.11 1.09 20.22
N LYS B 157 25.26 2.12 19.98
CA LYS B 157 25.49 3.51 20.30
C LYS B 157 26.74 4.04 19.59
N SER B 166 31.00 -5.38 10.38
CA SER B 166 29.80 -5.28 11.26
C SER B 166 28.50 -5.20 10.44
N ASN B 167 27.53 -6.09 10.73
CA ASN B 167 26.31 -6.14 9.94
C ASN B 167 25.14 -6.27 10.91
N LEU B 168 24.73 -5.11 11.45
CA LEU B 168 23.70 -5.05 12.48
C LEU B 168 22.33 -4.98 11.80
N SER B 169 21.39 -5.82 12.24
CA SER B 169 20.04 -5.71 11.71
C SER B 169 19.00 -6.33 12.62
N ILE B 170 17.76 -5.87 12.40
CA ILE B 170 16.59 -6.34 13.11
C ILE B 170 15.64 -6.92 12.06
N VAL B 171 15.02 -8.05 12.38
CA VAL B 171 13.99 -8.62 11.52
C VAL B 171 12.74 -8.84 12.36
N ASN B 172 11.62 -8.23 11.95
CA ASN B 172 10.35 -8.35 12.62
C ASN B 172 9.47 -9.34 11.87
N LEU B 173 8.87 -10.27 12.62
CA LEU B 173 7.92 -11.18 12.01
C LEU B 173 6.56 -10.52 11.93
N CYS B 174 6.19 -10.16 10.69
CA CYS B 174 5.00 -9.40 10.40
C CYS B 174 3.91 -10.39 9.95
N ASP B 175 3.00 -9.97 9.06
CA ASP B 175 1.88 -10.81 8.68
C ASP B 175 1.39 -10.36 7.30
N ALA B 176 1.51 -11.24 6.30
CA ALA B 176 1.17 -10.88 4.93
C ALA B 176 -0.30 -10.50 4.78
N MET B 177 -1.15 -10.95 5.72
CA MET B 177 -2.58 -10.77 5.62
C MET B 177 -3.08 -9.58 6.45
N VAL B 178 -2.21 -8.60 6.77
CA VAL B 178 -2.60 -7.52 7.67
C VAL B 178 -3.70 -6.66 7.08
N ASP B 179 -3.78 -6.59 5.74
CA ASP B 179 -4.80 -5.78 5.11
C ASP B 179 -6.02 -6.60 4.65
N GLN B 180 -6.02 -7.91 4.95
CA GLN B 180 -7.17 -8.76 4.69
C GLN B 180 -7.39 -9.57 5.95
N PRO B 181 -7.78 -8.89 7.05
CA PRO B 181 -7.67 -9.48 8.38
C PRO B 181 -8.71 -10.57 8.63
N CYS B 182 -8.36 -11.50 9.53
CA CYS B 182 -9.28 -12.53 9.99
C CYS B 182 -10.37 -11.90 10.87
N MET B 183 -11.62 -12.29 10.62
CA MET B 183 -12.77 -11.83 11.38
C MET B 183 -12.55 -12.02 12.90
N ALA B 184 -12.75 -10.96 13.70
CA ALA B 184 -12.71 -10.99 15.15
C ALA B 184 -11.27 -11.01 15.71
N PHE B 185 -10.26 -10.68 14.90
CA PHE B 185 -8.87 -10.60 15.34
C PHE B 185 -8.36 -9.16 15.32
N SER B 186 -9.20 -8.20 15.72
CA SER B 186 -8.88 -6.80 15.58
C SER B 186 -7.64 -6.40 16.39
N LEU B 187 -7.50 -6.86 17.65
CA LEU B 187 -6.35 -6.44 18.46
C LEU B 187 -5.06 -7.05 17.92
N TYR B 188 -5.09 -8.34 17.58
CA TYR B 188 -3.96 -8.98 16.94
C TYR B 188 -3.53 -8.18 15.71
N ASN B 189 -4.51 -7.83 14.88
CA ASN B 189 -4.24 -7.14 13.62
C ASN B 189 -3.66 -5.75 13.89
N MET B 190 -4.19 -5.08 14.92
CA MET B 190 -3.68 -3.77 15.28
C MET B 190 -2.20 -3.86 15.66
N GLY B 191 -1.86 -4.92 16.38
CA GLY B 191 -0.51 -5.20 16.81
C GLY B 191 0.44 -5.39 15.64
N LYS B 192 0.02 -6.18 14.64
CA LYS B 192 0.83 -6.43 13.46
C LYS B 192 0.94 -5.18 12.60
N HIS B 193 -0.11 -4.35 12.55
CA HIS B 193 -0.02 -3.10 11.82
C HIS B 193 0.99 -2.17 12.49
N ALA B 194 0.93 -2.08 13.82
CA ALA B 194 1.88 -1.31 14.60
C ALA B 194 3.31 -1.77 14.32
N LEU B 195 3.51 -3.08 14.18
CA LEU B 195 4.84 -3.61 13.89
C LEU B 195 5.36 -3.18 12.53
N VAL B 196 4.48 -3.07 11.53
CA VAL B 196 4.86 -2.51 10.23
C VAL B 196 5.38 -1.09 10.44
N GLY B 197 4.62 -0.29 11.20
CA GLY B 197 5.03 1.08 11.50
C GLY B 197 6.41 1.12 12.14
N LEU B 198 6.64 0.24 13.10
CA LEU B 198 7.91 0.20 13.81
C LEU B 198 9.03 -0.15 12.83
N THR B 199 8.79 -1.18 11.99
CA THR B 199 9.78 -1.60 11.01
C THR B 199 10.23 -0.39 10.20
N GLN B 200 9.28 0.41 9.71
CA GLN B 200 9.59 1.54 8.84
C GLN B 200 10.24 2.68 9.62
N SER B 201 9.65 3.06 10.76
CA SER B 201 10.15 4.14 11.60
C SER B 201 11.56 3.84 12.08
N ALA B 202 11.76 2.62 12.59
CA ALA B 202 13.07 2.21 13.07
C ALA B 202 14.10 2.11 11.94
N ALA B 203 13.71 1.67 10.74
CA ALA B 203 14.64 1.64 9.63
C ALA B 203 15.22 3.05 9.39
N LEU B 204 14.32 4.02 9.34
CA LEU B 204 14.68 5.41 9.10
C LEU B 204 15.60 5.96 10.19
N GLU B 205 15.22 5.74 11.44
CA GLU B 205 15.91 6.36 12.55
C GLU B 205 17.24 5.67 12.85
N LEU B 206 17.37 4.37 12.57
CA LEU B 206 18.60 3.65 12.89
C LEU B 206 19.54 3.53 11.69
N ALA B 207 19.11 3.95 10.49
CA ALA B 207 19.96 3.92 9.31
C ALA B 207 21.28 4.65 9.56
N PRO B 208 21.30 5.84 10.20
CA PRO B 208 22.56 6.53 10.48
C PRO B 208 23.55 5.73 11.33
N TYR B 209 23.05 4.75 12.11
CA TYR B 209 23.91 3.88 12.91
C TYR B 209 24.29 2.62 12.15
N GLY B 210 23.90 2.49 10.88
CA GLY B 210 24.17 1.26 10.14
C GLY B 210 23.35 0.06 10.63
N ILE B 211 22.24 0.29 11.34
CA ILE B 211 21.36 -0.81 11.71
C ILE B 211 20.20 -0.86 10.71
N ARG B 212 20.05 -2.00 10.03
CA ARG B 212 18.96 -2.19 9.10
C ARG B 212 17.79 -2.81 9.84
N VAL B 213 16.57 -2.50 9.40
CA VAL B 213 15.36 -2.98 10.04
C VAL B 213 14.39 -3.44 8.97
N ASN B 214 14.02 -4.73 8.99
CA ASN B 214 13.23 -5.30 7.91
C ASN B 214 12.20 -6.24 8.53
N GLY B 215 11.29 -6.74 7.69
CA GLY B 215 10.34 -7.71 8.17
C GLY B 215 10.20 -8.89 7.21
N VAL B 216 9.69 -9.98 7.77
CA VAL B 216 9.26 -11.14 7.02
C VAL B 216 7.80 -11.37 7.38
N ALA B 217 6.96 -11.52 6.35
CA ALA B 217 5.53 -11.54 6.52
C ALA B 217 4.97 -12.87 6.00
N PRO B 218 4.78 -13.87 6.87
CA PRO B 218 4.14 -15.14 6.45
C PRO B 218 2.68 -14.93 6.09
N GLY B 219 2.15 -15.82 5.24
CA GLY B 219 0.71 -15.94 5.07
C GLY B 219 0.16 -17.07 5.95
N VAL B 220 0.06 -18.26 5.36
CA VAL B 220 -0.19 -19.49 6.11
C VAL B 220 1.13 -20.21 6.25
N SER B 221 1.64 -20.26 7.48
CA SER B 221 2.76 -21.11 7.79
C SER B 221 2.23 -22.18 8.76
N LEU B 222 3.01 -22.54 9.78
CA LEU B 222 2.66 -23.62 10.68
C LEU B 222 1.32 -23.34 11.31
N LEU B 223 0.39 -24.29 11.10
CA LEU B 223 -0.97 -24.11 11.56
C LEU B 223 -1.04 -24.41 13.05
N PRO B 224 -2.08 -23.93 13.76
CA PRO B 224 -2.23 -24.17 15.19
C PRO B 224 -2.24 -25.67 15.50
N VAL B 225 -1.59 -26.01 16.62
CA VAL B 225 -1.37 -27.40 17.00
C VAL B 225 -2.72 -28.13 17.11
N ALA B 226 -3.75 -27.40 17.58
CA ALA B 226 -5.07 -27.95 17.87
C ALA B 226 -5.90 -28.28 16.61
N MET B 227 -5.50 -27.82 15.41
CA MET B 227 -6.45 -27.71 14.32
C MET B 227 -6.61 -29.08 13.65
N GLY B 228 -7.86 -29.46 13.32
CA GLY B 228 -8.13 -30.71 12.61
C GLY B 228 -7.66 -30.65 11.16
N GLU B 229 -7.32 -31.82 10.59
CA GLU B 229 -6.77 -31.87 9.23
C GLU B 229 -7.76 -31.27 8.21
N GLU B 230 -9.06 -31.42 8.42
CA GLU B 230 -10.06 -30.88 7.51
C GLU B 230 -9.94 -29.34 7.43
N GLU B 231 -9.82 -28.68 8.59
CA GLU B 231 -9.68 -27.23 8.60
C GLU B 231 -8.31 -26.83 8.04
N LYS B 232 -7.23 -27.57 8.38
CA LYS B 232 -5.91 -27.27 7.87
C LYS B 232 -5.95 -27.24 6.34
N ASP B 233 -6.62 -28.24 5.76
CA ASP B 233 -6.68 -28.37 4.31
C ASP B 233 -7.50 -27.23 3.72
N LYS B 234 -8.52 -26.74 4.41
CA LYS B 234 -9.29 -25.60 3.93
C LYS B 234 -8.36 -24.40 3.70
N TRP B 235 -7.48 -24.09 4.66
CA TRP B 235 -6.59 -22.95 4.53
C TRP B 235 -5.46 -23.24 3.53
N ARG B 236 -4.92 -24.47 3.55
CA ARG B 236 -3.85 -24.83 2.65
C ARG B 236 -4.27 -24.70 1.20
N ARG B 237 -5.52 -25.09 0.90
CA ARG B 237 -6.01 -25.09 -0.47
C ARG B 237 -6.25 -23.68 -0.99
N LYS B 238 -6.17 -22.65 -0.14
CA LYS B 238 -6.31 -21.27 -0.62
C LYS B 238 -4.99 -20.73 -1.16
N VAL B 239 -3.87 -21.41 -0.91
CA VAL B 239 -2.57 -20.89 -1.27
C VAL B 239 -2.29 -21.23 -2.73
N PRO B 240 -2.12 -20.22 -3.62
CA PRO B 240 -1.83 -20.47 -5.02
C PRO B 240 -0.60 -21.31 -5.27
N LEU B 241 0.52 -21.01 -4.60
CA LEU B 241 1.76 -21.68 -4.89
C LEU B 241 1.84 -22.98 -4.06
N GLY B 242 1.31 -24.07 -4.64
CA GLY B 242 1.50 -25.42 -4.12
C GLY B 242 0.38 -25.88 -3.17
N ARG B 243 -0.61 -25.02 -2.87
CA ARG B 243 -1.74 -25.39 -2.04
C ARG B 243 -1.29 -26.00 -0.71
N ARG B 244 -0.27 -25.38 -0.10
CA ARG B 244 0.26 -25.84 1.18
C ARG B 244 0.78 -24.61 1.95
N GLU B 245 0.91 -24.76 3.27
CA GLU B 245 1.48 -23.77 4.16
C GLU B 245 3.00 -23.75 4.00
N ALA B 246 3.60 -22.60 4.34
CA ALA B 246 5.05 -22.50 4.44
C ALA B 246 5.55 -23.31 5.61
N SER B 247 6.65 -24.02 5.39
CA SER B 247 7.41 -24.61 6.49
C SER B 247 8.05 -23.49 7.30
N ALA B 248 8.39 -23.79 8.56
CA ALA B 248 9.13 -22.85 9.39
C ALA B 248 10.45 -22.51 8.75
N GLU B 249 11.08 -23.52 8.11
CA GLU B 249 12.38 -23.32 7.46
C GLU B 249 12.27 -22.31 6.30
N GLN B 250 11.17 -22.34 5.57
CA GLN B 250 10.97 -21.40 4.46
C GLN B 250 10.87 -19.96 4.97
N ILE B 251 10.19 -19.77 6.10
CA ILE B 251 10.15 -18.46 6.74
C ILE B 251 11.56 -18.06 7.18
N ALA B 252 12.27 -19.00 7.82
CA ALA B 252 13.60 -18.73 8.31
C ALA B 252 14.53 -18.33 7.17
N ASP B 253 14.36 -18.93 5.98
CA ASP B 253 15.22 -18.62 4.83
C ASP B 253 15.20 -17.12 4.50
N ALA B 254 14.02 -16.49 4.61
CA ALA B 254 13.87 -15.08 4.32
C ALA B 254 14.58 -14.23 5.37
N VAL B 255 14.52 -14.68 6.64
CA VAL B 255 15.23 -14.03 7.74
C VAL B 255 16.74 -14.08 7.48
N ILE B 256 17.25 -15.25 7.12
CA ILE B 256 18.66 -15.43 6.82
C ILE B 256 19.11 -14.48 5.72
N PHE B 257 18.31 -14.39 4.65
CA PHE B 257 18.62 -13.45 3.59
C PHE B 257 18.75 -12.03 4.14
N LEU B 258 17.76 -11.57 4.90
CA LEU B 258 17.74 -10.18 5.35
C LEU B 258 18.89 -9.84 6.30
N VAL B 259 19.36 -10.80 7.10
CA VAL B 259 20.49 -10.51 7.96
C VAL B 259 21.83 -10.63 7.23
N SER B 260 21.86 -11.21 6.02
CA SER B 260 23.10 -11.51 5.30
C SER B 260 23.70 -10.27 4.63
N GLY B 261 24.94 -10.42 4.15
CA GLY B 261 25.61 -9.43 3.33
C GLY B 261 24.91 -9.20 1.98
N SER B 262 24.06 -10.14 1.57
CA SER B 262 23.32 -9.99 0.31
C SER B 262 22.19 -8.98 0.42
N ALA B 263 21.91 -8.48 1.64
CA ALA B 263 20.82 -7.53 1.88
C ALA B 263 21.36 -6.24 2.52
N GLN B 264 22.63 -5.92 2.29
CA GLN B 264 23.25 -4.80 2.97
C GLN B 264 22.67 -3.45 2.58
N TYR B 265 21.97 -3.32 1.45
CA TYR B 265 21.32 -2.05 1.13
C TYR B 265 19.83 -2.07 1.44
N ILE B 266 19.31 -3.21 1.96
CA ILE B 266 17.89 -3.37 2.22
C ILE B 266 17.56 -2.96 3.65
N THR B 267 16.69 -1.95 3.77
CA THR B 267 16.14 -1.56 5.06
C THR B 267 14.73 -1.00 4.85
N GLY B 268 13.89 -1.19 5.83
CA GLY B 268 12.50 -0.78 5.76
C GLY B 268 11.64 -1.66 4.87
N SER B 269 12.13 -2.85 4.53
CA SER B 269 11.46 -3.69 3.55
C SER B 269 10.77 -4.82 4.30
N ILE B 270 9.56 -5.19 3.83
CA ILE B 270 8.86 -6.35 4.37
C ILE B 270 8.65 -7.36 3.25
N ILE B 271 9.30 -8.52 3.38
CA ILE B 271 9.22 -9.55 2.36
C ILE B 271 8.07 -10.48 2.71
N LYS B 272 7.08 -10.57 1.84
CA LYS B 272 6.02 -11.56 1.98
C LYS B 272 6.57 -12.93 1.61
N VAL B 273 6.25 -13.92 2.46
CA VAL B 273 6.55 -15.31 2.20
C VAL B 273 5.23 -16.07 2.34
N ASP B 274 4.37 -15.92 1.33
CA ASP B 274 2.97 -16.27 1.48
C ASP B 274 2.43 -17.09 0.31
N GLY B 275 3.28 -17.50 -0.63
CA GLY B 275 2.83 -18.32 -1.75
C GLY B 275 1.74 -17.67 -2.60
N GLY B 276 1.62 -16.33 -2.54
CA GLY B 276 0.62 -15.60 -3.30
C GLY B 276 -0.71 -15.40 -2.60
N LEU B 277 -0.84 -15.85 -1.35
CA LEU B 277 -2.12 -15.83 -0.64
C LEU B 277 -2.72 -14.43 -0.56
N SER B 278 -1.89 -13.42 -0.30
CA SER B 278 -2.37 -12.05 -0.11
C SER B 278 -2.95 -11.47 -1.39
N LEU B 279 -2.70 -12.09 -2.55
CA LEU B 279 -3.21 -11.58 -3.81
C LEU B 279 -4.55 -12.21 -4.20
N VAL B 280 -5.06 -13.15 -3.39
CA VAL B 280 -6.27 -13.91 -3.72
C VAL B 280 -7.50 -13.14 -3.22
N HIS B 281 -8.42 -12.84 -4.15
CA HIS B 281 -9.67 -12.17 -3.80
C HIS B 281 -10.62 -13.12 -3.08
N ALA B 282 -11.68 -12.56 -2.49
CA ALA B 282 -12.67 -13.31 -1.74
C ALA B 282 -13.44 -14.34 -2.60
N GLU C 16 -21.71 31.82 -14.28
CA GLU C 16 -21.56 30.89 -15.43
C GLU C 16 -21.37 29.46 -14.90
N ALA C 17 -22.07 28.52 -15.53
CA ALA C 17 -22.11 27.14 -15.08
C ALA C 17 -20.81 26.43 -15.49
N PRO C 18 -20.20 25.62 -14.60
CA PRO C 18 -18.99 24.87 -14.98
C PRO C 18 -19.38 23.78 -15.99
N ALA C 19 -18.35 23.19 -16.63
CA ALA C 19 -18.59 22.15 -17.61
C ALA C 19 -17.69 20.94 -17.35
N ALA C 20 -18.23 19.75 -17.68
CA ALA C 20 -17.52 18.50 -17.39
C ALA C 20 -17.55 17.61 -18.62
N VAL C 21 -16.44 16.86 -18.83
CA VAL C 21 -16.36 15.77 -19.78
C VAL C 21 -16.44 14.46 -19.01
N VAL C 22 -17.33 13.57 -19.45
CA VAL C 22 -17.38 12.22 -18.91
C VAL C 22 -17.21 11.25 -20.07
N THR C 23 -16.16 10.43 -20.02
CA THR C 23 -15.94 9.45 -21.07
C THR C 23 -16.80 8.23 -20.79
N GLY C 24 -17.24 7.57 -21.86
CA GLY C 24 -18.10 6.39 -21.75
C GLY C 24 -19.36 6.67 -20.93
N ALA C 25 -20.06 7.76 -21.25
CA ALA C 25 -21.12 8.29 -20.39
C ALA C 25 -22.52 7.86 -20.84
N ALA C 26 -22.63 7.00 -21.86
CA ALA C 26 -23.94 6.70 -22.42
C ALA C 26 -24.72 5.75 -21.53
N LYS C 27 -24.02 4.92 -20.77
CA LYS C 27 -24.64 3.85 -20.02
C LYS C 27 -24.03 3.72 -18.64
N ARG C 28 -24.75 3.00 -17.76
CA ARG C 28 -24.19 2.40 -16.55
C ARG C 28 -23.53 3.49 -15.70
N ILE C 29 -22.29 3.27 -15.23
CA ILE C 29 -21.71 4.15 -14.24
C ILE C 29 -21.46 5.53 -14.81
N GLY C 30 -20.96 5.60 -16.04
CA GLY C 30 -20.67 6.89 -16.66
C GLY C 30 -21.93 7.74 -16.84
N ARG C 31 -23.05 7.07 -17.16
CA ARG C 31 -24.31 7.75 -17.32
C ARG C 31 -24.73 8.36 -15.98
N ALA C 32 -24.61 7.59 -14.89
CA ALA C 32 -25.03 8.06 -13.59
C ALA C 32 -24.16 9.24 -13.16
N ILE C 33 -22.88 9.22 -13.54
CA ILE C 33 -21.96 10.31 -13.22
C ILE C 33 -22.38 11.57 -13.98
N ALA C 34 -22.66 11.42 -15.28
CA ALA C 34 -23.09 12.55 -16.08
C ALA C 34 -24.38 13.15 -15.51
N VAL C 35 -25.34 12.29 -15.17
CA VAL C 35 -26.61 12.75 -14.65
C VAL C 35 -26.40 13.52 -13.35
N LYS C 36 -25.60 12.96 -12.44
CA LYS C 36 -25.42 13.61 -11.15
C LYS C 36 -24.65 14.92 -11.29
N LEU C 37 -23.65 15.00 -12.20
CA LEU C 37 -22.95 16.26 -12.43
C LEU C 37 -23.93 17.33 -12.95
N HIS C 38 -24.78 16.89 -13.88
CA HIS C 38 -25.78 17.78 -14.48
C HIS C 38 -26.74 18.30 -13.39
N GLN C 39 -27.21 17.39 -12.52
CA GLN C 39 -28.09 17.76 -11.41
C GLN C 39 -27.42 18.73 -10.46
N THR C 40 -26.08 18.70 -10.36
CA THR C 40 -25.32 19.58 -9.49
C THR C 40 -25.08 20.93 -10.16
N GLY C 41 -25.41 21.07 -11.45
CA GLY C 41 -25.31 22.36 -12.13
C GLY C 41 -24.26 22.41 -13.23
N TYR C 42 -23.61 21.27 -13.55
CA TYR C 42 -22.65 21.22 -14.65
C TYR C 42 -23.36 21.09 -15.99
N ARG C 43 -22.76 21.74 -17.00
CA ARG C 43 -22.94 21.36 -18.39
C ARG C 43 -22.01 20.19 -18.70
N VAL C 44 -22.46 19.25 -19.54
CA VAL C 44 -21.74 17.98 -19.70
C VAL C 44 -21.51 17.63 -21.18
N VAL C 45 -20.29 17.13 -21.45
CA VAL C 45 -20.01 16.40 -22.68
C VAL C 45 -20.11 14.92 -22.38
N ILE C 46 -21.05 14.27 -23.08
CA ILE C 46 -21.30 12.84 -23.01
C ILE C 46 -20.49 12.15 -24.11
N HIS C 47 -19.31 11.59 -23.76
CA HIS C 47 -18.51 10.87 -24.74
C HIS C 47 -19.08 9.45 -24.86
N TYR C 48 -19.00 8.91 -26.08
CA TYR C 48 -19.43 7.56 -26.37
C TYR C 48 -18.58 7.01 -27.50
N HIS C 49 -18.61 5.70 -27.69
CA HIS C 49 -17.89 5.03 -28.77
C HIS C 49 -18.92 4.42 -29.71
N ASN C 50 -19.57 3.34 -29.27
CA ASN C 50 -20.58 2.64 -30.05
C ASN C 50 -22.01 3.06 -29.64
N SER C 51 -22.21 3.67 -28.45
CA SER C 51 -23.54 3.83 -27.90
C SER C 51 -24.15 5.18 -28.27
N ALA C 52 -24.28 5.45 -29.58
CA ALA C 52 -24.77 6.74 -30.07
C ALA C 52 -26.20 7.01 -29.59
N GLU C 53 -27.07 6.01 -29.75
CA GLU C 53 -28.48 6.16 -29.44
C GLU C 53 -28.67 6.46 -27.97
N ALA C 54 -27.99 5.71 -27.10
CA ALA C 54 -28.11 5.95 -25.66
C ALA C 54 -27.46 7.29 -25.28
N ALA C 55 -26.36 7.69 -25.93
CA ALA C 55 -25.75 8.99 -25.62
C ALA C 55 -26.69 10.15 -25.91
N VAL C 56 -27.29 10.11 -27.10
CA VAL C 56 -28.19 11.17 -27.53
C VAL C 56 -29.45 11.18 -26.67
N SER C 57 -29.99 10.01 -26.35
CA SER C 57 -31.11 9.89 -25.44
C SER C 57 -30.84 10.54 -24.08
N LEU C 58 -29.62 10.34 -23.54
CA LEU C 58 -29.26 10.99 -22.29
C LEU C 58 -29.18 12.51 -22.48
N ALA C 59 -28.53 12.96 -23.56
CA ALA C 59 -28.41 14.40 -23.79
C ALA C 59 -29.80 15.02 -23.93
N ASP C 60 -30.76 14.33 -24.56
CA ASP C 60 -32.11 14.83 -24.75
C ASP C 60 -32.79 15.02 -23.40
N GLU C 61 -32.63 14.04 -22.50
CA GLU C 61 -33.17 14.12 -21.14
C GLU C 61 -32.58 15.32 -20.40
N LEU C 62 -31.27 15.52 -20.48
CA LEU C 62 -30.60 16.58 -19.76
C LEU C 62 -30.96 17.95 -20.35
N ASN C 63 -31.04 18.06 -21.69
CA ASN C 63 -31.37 19.32 -22.34
C ASN C 63 -32.83 19.70 -22.13
N LYS C 64 -33.70 18.71 -21.97
CA LYS C 64 -35.09 18.95 -21.60
C LYS C 64 -35.18 19.59 -20.21
N GLU C 65 -34.30 19.18 -19.29
CA GLU C 65 -34.22 19.80 -17.97
C GLU C 65 -33.67 21.22 -18.06
N ARG C 66 -32.55 21.43 -18.75
CA ARG C 66 -32.00 22.76 -18.96
C ARG C 66 -31.43 22.84 -20.37
N SER C 67 -31.92 23.79 -21.16
CA SER C 67 -31.60 23.84 -22.58
C SER C 67 -30.11 24.07 -22.80
N ASN C 68 -29.55 23.40 -23.81
CA ASN C 68 -28.20 23.62 -24.29
C ASN C 68 -27.17 23.40 -23.17
N THR C 69 -27.38 22.35 -22.37
CA THR C 69 -26.45 22.03 -21.29
C THR C 69 -25.78 20.67 -21.47
N ALA C 70 -26.09 19.92 -22.54
CA ALA C 70 -25.50 18.62 -22.80
C ALA C 70 -25.23 18.46 -24.30
N VAL C 71 -24.01 18.00 -24.62
CA VAL C 71 -23.67 17.63 -25.98
C VAL C 71 -23.02 16.25 -25.95
N VAL C 72 -23.00 15.59 -27.12
CA VAL C 72 -22.38 14.28 -27.23
C VAL C 72 -21.09 14.42 -28.04
N CYS C 73 -20.18 13.44 -27.86
CA CYS C 73 -18.88 13.46 -28.51
C CYS C 73 -18.42 12.03 -28.75
N GLN C 74 -18.21 11.65 -30.02
CA GLN C 74 -17.89 10.28 -30.40
C GLN C 74 -16.37 10.15 -30.50
N ALA C 75 -15.82 9.07 -29.89
CA ALA C 75 -14.42 8.73 -30.11
C ALA C 75 -14.13 7.31 -29.66
N ASP C 76 -13.33 6.61 -30.47
CA ASP C 76 -12.63 5.41 -30.08
C ASP C 76 -11.41 5.82 -29.25
N LEU C 77 -11.23 5.19 -28.08
CA LEU C 77 -10.12 5.50 -27.20
C LEU C 77 -9.10 4.36 -27.16
N THR C 78 -9.20 3.41 -28.12
CA THR C 78 -8.17 2.43 -28.34
C THR C 78 -6.85 3.14 -28.65
N ASN C 79 -5.72 2.59 -28.19
CA ASN C 79 -4.42 3.17 -28.49
C ASN C 79 -4.14 3.04 -29.99
N SER C 80 -3.64 4.11 -30.62
CA SER C 80 -3.35 4.18 -32.05
C SER C 80 -2.59 5.48 -32.32
N ASN C 81 -2.16 5.65 -33.58
CA ASN C 81 -1.50 6.88 -34.02
C ASN C 81 -2.43 8.09 -33.95
N VAL C 82 -3.75 7.88 -33.97
CA VAL C 82 -4.69 9.00 -33.96
C VAL C 82 -5.24 9.28 -32.55
N LEU C 83 -4.92 8.43 -31.56
CA LEU C 83 -5.52 8.63 -30.26
C LEU C 83 -5.24 10.04 -29.72
N PRO C 84 -4.01 10.57 -29.77
CA PRO C 84 -3.75 11.89 -29.22
C PRO C 84 -4.66 12.97 -29.81
N ALA C 85 -4.89 12.92 -31.13
CA ALA C 85 -5.79 13.86 -31.79
C ALA C 85 -7.23 13.66 -31.32
N SER C 86 -7.67 12.39 -31.18
CA SER C 86 -9.01 12.15 -30.69
C SER C 86 -9.22 12.74 -29.29
N CYS C 87 -8.22 12.61 -28.42
CA CYS C 87 -8.35 13.06 -27.02
C CYS C 87 -8.35 14.58 -26.97
N GLU C 88 -7.49 15.20 -27.78
CA GLU C 88 -7.51 16.65 -27.89
C GLU C 88 -8.90 17.12 -28.35
N GLU C 89 -9.54 16.38 -29.26
CA GLU C 89 -10.81 16.80 -29.80
C GLU C 89 -11.93 16.64 -28.77
N ILE C 90 -11.83 15.66 -27.86
CA ILE C 90 -12.81 15.51 -26.81
C ILE C 90 -12.78 16.74 -25.89
N ILE C 91 -11.58 17.14 -25.47
CA ILE C 91 -11.46 18.33 -24.65
C ILE C 91 -11.96 19.55 -25.43
N ASN C 92 -11.51 19.66 -26.69
CA ASN C 92 -11.92 20.78 -27.53
C ASN C 92 -13.43 20.86 -27.64
N SER C 93 -14.11 19.71 -27.65
CA SER C 93 -15.56 19.70 -27.78
C SER C 93 -16.22 20.39 -26.59
N CYS C 94 -15.61 20.26 -25.40
CA CYS C 94 -16.13 20.93 -24.22
C CYS C 94 -15.95 22.45 -24.33
N PHE C 95 -14.74 22.89 -24.72
CA PHE C 95 -14.50 24.32 -24.90
C PHE C 95 -15.39 24.92 -25.99
N ARG C 96 -15.65 24.15 -27.05
CA ARG C 96 -16.44 24.63 -28.16
C ARG C 96 -17.90 24.81 -27.74
N ALA C 97 -18.42 23.87 -26.96
CA ALA C 97 -19.83 23.90 -26.59
C ALA C 97 -20.06 24.89 -25.46
N PHE C 98 -19.14 24.95 -24.48
CA PHE C 98 -19.46 25.59 -23.22
C PHE C 98 -18.47 26.70 -22.87
N GLY C 99 -17.40 26.85 -23.64
CA GLY C 99 -16.44 27.92 -23.39
C GLY C 99 -15.47 27.64 -22.25
N ARG C 100 -15.54 26.44 -21.66
CA ARG C 100 -14.68 26.11 -20.53
C ARG C 100 -14.72 24.59 -20.32
N CYS C 101 -13.75 24.08 -19.56
CA CYS C 101 -13.70 22.68 -19.15
C CYS C 101 -13.13 22.57 -17.74
N ASP C 102 -14.04 22.34 -16.77
CA ASP C 102 -13.69 22.39 -15.36
C ASP C 102 -13.34 21.01 -14.81
N VAL C 103 -14.04 19.97 -15.30
CA VAL C 103 -13.93 18.64 -14.78
C VAL C 103 -13.77 17.63 -15.94
N LEU C 104 -12.84 16.69 -15.74
CA LEU C 104 -12.67 15.53 -16.60
C LEU C 104 -12.88 14.26 -15.75
N VAL C 105 -13.80 13.40 -16.18
CA VAL C 105 -13.97 12.10 -15.57
C VAL C 105 -13.57 11.03 -16.59
N ASN C 106 -12.49 10.31 -16.29
CA ASN C 106 -12.04 9.19 -17.09
C ASN C 106 -12.72 7.91 -16.61
N ASN C 107 -13.77 7.53 -17.35
CA ASN C 107 -14.68 6.46 -16.99
C ASN C 107 -14.61 5.35 -18.02
N ALA C 108 -14.52 5.68 -19.33
CA ALA C 108 -14.55 4.67 -20.38
C ALA C 108 -13.45 3.64 -20.17
N SER C 109 -13.79 2.36 -20.42
CA SER C 109 -12.90 1.25 -20.09
C SER C 109 -13.30 -0.03 -20.81
N ALA C 110 -12.33 -0.64 -21.50
CA ALA C 110 -12.50 -1.98 -22.03
C ALA C 110 -12.15 -2.97 -20.92
N PHE C 111 -12.86 -4.11 -20.92
CA PHE C 111 -12.74 -5.04 -19.83
C PHE C 111 -13.01 -6.46 -20.35
N TYR C 112 -11.98 -7.30 -20.39
CA TYR C 112 -12.18 -8.69 -20.77
C TYR C 112 -10.90 -9.46 -20.44
N PRO C 113 -10.99 -10.80 -20.31
CA PRO C 113 -9.81 -11.59 -19.97
C PRO C 113 -8.78 -11.69 -21.10
N THR C 114 -7.52 -11.83 -20.72
CA THR C 114 -6.39 -12.03 -21.61
C THR C 114 -5.46 -13.06 -20.98
N PRO C 115 -5.82 -14.36 -21.02
CA PRO C 115 -5.02 -15.40 -20.37
C PRO C 115 -3.58 -15.41 -20.87
N LEU C 116 -2.66 -15.68 -19.93
CA LEU C 116 -1.24 -15.68 -20.24
C LEU C 116 -0.87 -16.93 -21.05
N VAL C 117 -1.56 -18.04 -20.77
CA VAL C 117 -1.32 -19.30 -21.43
C VAL C 117 -2.63 -19.76 -22.08
N GLN C 118 -2.55 -20.24 -23.33
CA GLN C 118 -3.71 -20.42 -24.20
C GLN C 118 -4.53 -21.66 -23.80
N LYS C 128 -9.41 -11.68 -31.29
CA LYS C 128 -8.52 -10.48 -31.29
C LYS C 128 -7.07 -10.91 -31.11
N THR C 129 -6.17 -10.26 -31.84
CA THR C 129 -4.75 -10.44 -31.61
C THR C 129 -4.37 -9.83 -30.26
N VAL C 130 -3.24 -10.25 -29.72
CA VAL C 130 -2.80 -9.73 -28.45
C VAL C 130 -2.41 -8.25 -28.62
N GLU C 131 -1.89 -7.87 -29.80
CA GLU C 131 -1.56 -6.46 -30.02
C GLU C 131 -2.84 -5.60 -29.98
N THR C 132 -3.99 -6.13 -30.40
CA THR C 132 -5.26 -5.41 -30.35
C THR C 132 -5.76 -5.33 -28.90
N GLN C 133 -5.60 -6.42 -28.15
CA GLN C 133 -5.99 -6.44 -26.74
C GLN C 133 -5.17 -5.39 -25.97
N VAL C 134 -3.88 -5.32 -26.23
CA VAL C 134 -3.03 -4.31 -25.61
C VAL C 134 -3.57 -2.92 -25.96
N ALA C 135 -3.80 -2.66 -27.25
CA ALA C 135 -4.26 -1.35 -27.68
C ALA C 135 -5.57 -0.96 -26.99
N GLU C 136 -6.54 -1.88 -26.87
CA GLU C 136 -7.84 -1.56 -26.30
C GLU C 136 -7.78 -1.45 -24.78
N LEU C 137 -7.16 -2.45 -24.11
CA LEU C 137 -7.18 -2.49 -22.66
C LEU C 137 -6.26 -1.41 -22.07
N ILE C 138 -5.06 -1.24 -22.62
CA ILE C 138 -4.15 -0.25 -22.08
C ILE C 138 -4.52 1.14 -22.63
N GLY C 139 -5.02 1.22 -23.86
CA GLY C 139 -5.48 2.49 -24.41
C GLY C 139 -6.62 3.11 -23.59
N THR C 140 -7.68 2.32 -23.38
CA THR C 140 -8.86 2.88 -22.71
C THR C 140 -8.59 3.16 -21.24
N ASN C 141 -7.85 2.26 -20.57
CA ASN C 141 -7.74 2.34 -19.12
C ASN C 141 -6.58 3.26 -18.69
N ALA C 142 -5.62 3.56 -19.57
CA ALA C 142 -4.41 4.27 -19.15
C ALA C 142 -3.96 5.34 -20.15
N ILE C 143 -3.74 4.99 -21.42
CA ILE C 143 -3.16 5.94 -22.35
C ILE C 143 -4.13 7.07 -22.66
N ALA C 144 -5.38 6.74 -22.98
CA ALA C 144 -6.38 7.77 -23.27
C ALA C 144 -6.54 8.69 -22.07
N PRO C 145 -6.70 8.18 -20.81
CA PRO C 145 -6.69 9.08 -19.67
C PRO C 145 -5.49 10.00 -19.59
N PHE C 146 -4.29 9.50 -19.91
CA PHE C 146 -3.09 10.32 -19.90
C PHE C 146 -3.20 11.46 -20.94
N LEU C 147 -3.65 11.12 -22.15
CA LEU C 147 -3.70 12.08 -23.25
C LEU C 147 -4.82 13.11 -22.98
N LEU C 148 -5.95 12.65 -22.45
CA LEU C 148 -7.02 13.56 -22.07
C LEU C 148 -6.55 14.50 -20.95
N THR C 149 -5.77 13.97 -20.00
CA THR C 149 -5.22 14.75 -18.91
C THR C 149 -4.29 15.84 -19.47
N MET C 150 -3.40 15.46 -20.38
CA MET C 150 -2.52 16.41 -21.05
C MET C 150 -3.34 17.52 -21.71
N SER C 151 -4.33 17.13 -22.50
CA SER C 151 -5.12 18.09 -23.27
C SER C 151 -5.92 18.99 -22.34
N PHE C 152 -6.49 18.41 -21.28
CA PHE C 152 -7.23 19.17 -20.27
C PHE C 152 -6.32 20.24 -19.66
N ALA C 153 -5.13 19.83 -19.24
CA ALA C 153 -4.22 20.74 -18.55
C ALA C 153 -3.71 21.82 -19.51
N GLN C 154 -3.39 21.43 -20.75
CA GLN C 154 -2.85 22.37 -21.73
C GLN C 154 -3.83 23.52 -21.98
N ARG C 155 -5.12 23.22 -22.02
CA ARG C 155 -6.14 24.19 -22.38
C ARG C 155 -6.50 25.11 -21.20
N GLN C 156 -6.03 24.85 -19.98
CA GLN C 156 -6.24 25.80 -18.91
C GLN C 156 -5.15 26.89 -19.00
N SER C 166 -12.40 29.23 -9.54
CA SER C 166 -12.31 27.98 -10.34
C SER C 166 -12.04 26.77 -9.42
N ASN C 167 -12.64 25.63 -9.77
CA ASN C 167 -12.36 24.41 -9.06
C ASN C 167 -12.14 23.31 -10.12
N LEU C 168 -10.91 23.26 -10.61
CA LEU C 168 -10.56 22.34 -11.71
C LEU C 168 -10.17 20.98 -11.12
N SER C 169 -10.70 19.89 -11.66
CA SER C 169 -10.25 18.59 -11.20
C SER C 169 -10.55 17.48 -12.21
N ILE C 170 -9.79 16.40 -12.02
CA ILE C 170 -9.90 15.19 -12.80
C ILE C 170 -10.26 14.06 -11.83
N VAL C 171 -11.17 13.18 -12.25
CA VAL C 171 -11.47 11.99 -11.46
C VAL C 171 -11.31 10.79 -12.38
N ASN C 172 -10.45 9.84 -11.96
CA ASN C 172 -10.19 8.63 -12.71
C ASN C 172 -10.97 7.48 -12.07
N LEU C 173 -11.69 6.72 -12.88
CA LEU C 173 -12.35 5.53 -12.37
C LEU C 173 -11.36 4.37 -12.33
N CYS C 174 -10.98 4.02 -11.10
CA CYS C 174 -9.95 3.06 -10.80
C CYS C 174 -10.64 1.72 -10.47
N ASP C 175 -10.05 0.89 -9.61
CA ASP C 175 -10.59 -0.44 -9.34
C ASP C 175 -10.07 -0.85 -7.96
N ALA C 176 -10.97 -1.04 -7.01
CA ALA C 176 -10.58 -1.36 -5.64
C ALA C 176 -9.84 -2.69 -5.56
N MET C 177 -10.02 -3.56 -6.56
CA MET C 177 -9.49 -4.90 -6.51
C MET C 177 -8.18 -5.03 -7.27
N VAL C 178 -7.47 -3.91 -7.54
CA VAL C 178 -6.26 -3.97 -8.36
C VAL C 178 -5.19 -4.86 -7.76
N ASP C 179 -5.16 -4.98 -6.42
CA ASP C 179 -4.12 -5.78 -5.79
C ASP C 179 -4.60 -7.19 -5.44
N GLN C 180 -5.85 -7.52 -5.79
CA GLN C 180 -6.35 -8.88 -5.63
C GLN C 180 -7.05 -9.24 -6.93
N PRO C 181 -6.27 -9.32 -8.03
CA PRO C 181 -6.85 -9.32 -9.37
C PRO C 181 -7.58 -10.61 -9.71
N CYS C 182 -8.53 -10.47 -10.64
CA CYS C 182 -9.25 -11.59 -11.21
C CYS C 182 -8.31 -12.41 -12.12
N MET C 183 -8.35 -13.73 -11.96
CA MET C 183 -7.57 -14.67 -12.74
C MET C 183 -7.75 -14.41 -14.25
N ALA C 184 -6.65 -14.30 -15.00
CA ALA C 184 -6.64 -14.13 -16.46
C ALA C 184 -7.00 -12.72 -16.92
N PHE C 185 -6.98 -11.71 -16.03
CA PHE C 185 -7.24 -10.32 -16.41
C PHE C 185 -5.99 -9.46 -16.28
N SER C 186 -4.82 -10.01 -16.67
CA SER C 186 -3.56 -9.32 -16.43
C SER C 186 -3.44 -7.99 -17.19
N LEU C 187 -3.88 -7.90 -18.46
CA LEU C 187 -3.73 -6.65 -19.19
C LEU C 187 -4.69 -5.60 -18.64
N TYR C 188 -5.95 -5.99 -18.39
CA TYR C 188 -6.88 -5.07 -17.75
C TYR C 188 -6.27 -4.53 -16.46
N ASN C 189 -5.73 -5.43 -15.64
CA ASN C 189 -5.19 -5.07 -14.35
C ASN C 189 -3.99 -4.14 -14.50
N MET C 190 -3.14 -4.40 -15.50
CA MET C 190 -2.00 -3.55 -15.79
C MET C 190 -2.46 -2.12 -16.09
N GLY C 191 -3.54 -2.03 -16.86
CA GLY C 191 -4.14 -0.77 -17.26
C GLY C 191 -4.63 0.03 -16.06
N LYS C 192 -5.31 -0.64 -15.13
CA LYS C 192 -5.82 0.02 -13.93
C LYS C 192 -4.68 0.39 -12.99
N HIS C 193 -3.63 -0.42 -12.93
CA HIS C 193 -2.47 -0.03 -12.14
C HIS C 193 -1.80 1.22 -12.71
N ALA C 194 -1.64 1.24 -14.04
CA ALA C 194 -1.10 2.41 -14.73
C ALA C 194 -1.94 3.65 -14.41
N LEU C 195 -3.27 3.49 -14.32
CA LEU C 195 -4.15 4.61 -14.03
C LEU C 195 -3.91 5.15 -12.62
N VAL C 196 -3.62 4.28 -11.65
CA VAL C 196 -3.22 4.72 -10.32
C VAL C 196 -1.97 5.59 -10.42
N GLY C 197 -0.96 5.11 -11.15
CA GLY C 197 0.26 5.87 -11.37
C GLY C 197 -0.03 7.25 -11.96
N LEU C 198 -0.89 7.30 -12.98
CA LEU C 198 -1.25 8.58 -13.63
C LEU C 198 -1.92 9.49 -12.60
N THR C 199 -2.86 8.92 -11.82
CA THR C 199 -3.58 9.70 -10.83
C THR C 199 -2.57 10.42 -9.93
N GLN C 200 -1.56 9.68 -9.45
CA GLN C 200 -0.60 10.21 -8.50
C GLN C 200 0.37 11.17 -9.17
N SER C 201 0.94 10.76 -10.31
CA SER C 201 1.87 11.58 -11.07
C SER C 201 1.22 12.90 -11.48
N ALA C 202 0.00 12.80 -12.04
CA ALA C 202 -0.70 14.00 -12.49
C ALA C 202 -1.11 14.89 -11.32
N ALA C 203 -1.50 14.31 -10.17
CA ALA C 203 -1.81 15.14 -9.02
C ALA C 203 -0.62 16.04 -8.66
N LEU C 204 0.55 15.44 -8.61
CA LEU C 204 1.78 16.13 -8.25
C LEU C 204 2.12 17.22 -9.27
N GLU C 205 2.07 16.86 -10.56
CA GLU C 205 2.53 17.75 -11.62
C GLU C 205 1.54 18.89 -11.86
N LEU C 206 0.23 18.66 -11.64
CA LEU C 206 -0.77 19.67 -11.96
C LEU C 206 -1.20 20.46 -10.73
N ALA C 207 -0.73 20.09 -9.53
CA ALA C 207 -1.05 20.82 -8.31
C ALA C 207 -0.69 22.30 -8.45
N PRO C 208 0.47 22.69 -9.02
CA PRO C 208 0.81 24.10 -9.20
C PRO C 208 -0.19 24.87 -10.05
N TYR C 209 -0.95 24.18 -10.91
CA TYR C 209 -1.98 24.83 -11.72
C TYR C 209 -3.34 24.82 -11.01
N GLY C 210 -3.41 24.32 -9.77
CA GLY C 210 -4.68 24.22 -9.07
C GLY C 210 -5.62 23.16 -9.66
N ILE C 211 -5.06 22.19 -10.41
CA ILE C 211 -5.86 21.09 -10.89
C ILE C 211 -5.65 19.92 -9.93
N ARG C 212 -6.74 19.44 -9.34
CA ARG C 212 -6.69 18.28 -8.46
C ARG C 212 -6.93 17.05 -9.32
N VAL C 213 -6.33 15.93 -8.91
CA VAL C 213 -6.46 14.67 -9.63
C VAL C 213 -6.68 13.57 -8.62
N ASN C 214 -7.85 12.91 -8.71
CA ASN C 214 -8.22 11.92 -7.72
C ASN C 214 -8.84 10.73 -8.44
N GLY C 215 -9.12 9.67 -7.68
CA GLY C 215 -9.77 8.51 -8.24
C GLY C 215 -10.91 8.01 -7.36
N VAL C 216 -11.79 7.25 -8.01
CA VAL C 216 -12.84 6.50 -7.35
C VAL C 216 -12.69 5.05 -7.77
N ALA C 217 -12.68 4.14 -6.78
CA ALA C 217 -12.30 2.76 -7.02
C ALA C 217 -13.45 1.84 -6.60
N PRO C 218 -14.32 1.44 -7.54
CA PRO C 218 -15.38 0.48 -7.23
C PRO C 218 -14.85 -0.92 -6.96
N GLY C 219 -15.60 -1.72 -6.20
CA GLY C 219 -15.33 -3.13 -6.11
C GLY C 219 -16.24 -3.91 -7.09
N VAL C 220 -17.37 -4.35 -6.56
CA VAL C 220 -18.49 -4.86 -7.35
C VAL C 220 -19.51 -3.75 -7.46
N SER C 221 -19.65 -3.21 -8.67
CA SER C 221 -20.77 -2.34 -8.98
C SER C 221 -21.60 -3.08 -10.03
N LEU C 222 -22.13 -2.36 -11.01
CA LEU C 222 -23.05 -2.95 -11.99
C LEU C 222 -22.34 -4.08 -12.72
N LEU C 223 -22.95 -5.25 -12.65
CA LEU C 223 -22.35 -6.47 -13.16
C LEU C 223 -22.48 -6.50 -14.68
N PRO C 224 -21.66 -7.28 -15.39
CA PRO C 224 -21.72 -7.32 -16.85
C PRO C 224 -23.09 -7.78 -17.32
N VAL C 225 -23.59 -7.18 -18.40
CA VAL C 225 -24.91 -7.50 -18.92
C VAL C 225 -24.97 -8.99 -19.28
N ALA C 226 -23.85 -9.52 -19.78
CA ALA C 226 -23.75 -10.89 -20.28
C ALA C 226 -23.60 -11.92 -19.16
N MET C 227 -23.38 -11.50 -17.91
CA MET C 227 -23.15 -12.46 -16.84
C MET C 227 -24.48 -13.07 -16.40
N GLY C 228 -24.50 -14.40 -16.18
CA GLY C 228 -25.70 -15.08 -15.69
C GLY C 228 -26.02 -14.71 -14.25
N GLU C 229 -27.30 -14.83 -13.86
CA GLU C 229 -27.77 -14.41 -12.56
C GLU C 229 -27.08 -15.18 -11.43
N GLU C 230 -26.78 -16.46 -11.69
CA GLU C 230 -26.17 -17.31 -10.69
C GLU C 230 -24.77 -16.78 -10.35
N GLU C 231 -24.02 -16.41 -11.39
CA GLU C 231 -22.70 -15.84 -11.18
C GLU C 231 -22.78 -14.45 -10.52
N LYS C 232 -23.74 -13.61 -10.95
CA LYS C 232 -23.94 -12.30 -10.32
C LYS C 232 -24.11 -12.45 -8.82
N ASP C 233 -24.94 -13.43 -8.40
CA ASP C 233 -25.23 -13.64 -7.00
C ASP C 233 -23.97 -14.12 -6.24
N LYS C 234 -23.14 -14.93 -6.91
CA LYS C 234 -21.90 -15.39 -6.31
C LYS C 234 -21.03 -14.18 -5.90
N TRP C 235 -20.90 -13.19 -6.80
CA TRP C 235 -20.05 -12.03 -6.53
C TRP C 235 -20.73 -11.10 -5.51
N ARG C 236 -22.05 -10.90 -5.63
CA ARG C 236 -22.76 -10.04 -4.69
C ARG C 236 -22.59 -10.51 -3.26
N ARG C 237 -22.66 -11.83 -3.05
CA ARG C 237 -22.65 -12.38 -1.70
C ARG C 237 -21.26 -12.27 -1.06
N LYS C 238 -20.23 -11.86 -1.81
CA LYS C 238 -18.90 -11.68 -1.22
C LYS C 238 -18.74 -10.31 -0.55
N VAL C 239 -19.67 -9.39 -0.80
CA VAL C 239 -19.53 -8.04 -0.32
C VAL C 239 -19.98 -7.95 1.14
N PRO C 240 -19.09 -7.59 2.09
CA PRO C 240 -19.47 -7.48 3.49
C PRO C 240 -20.62 -6.53 3.79
N LEU C 241 -20.60 -5.35 3.19
CA LEU C 241 -21.60 -4.36 3.52
C LEU C 241 -22.82 -4.56 2.62
N GLY C 242 -23.76 -5.42 3.06
CA GLY C 242 -25.07 -5.54 2.41
C GLY C 242 -25.16 -6.66 1.38
N ARG C 243 -24.05 -7.34 1.06
CA ARG C 243 -24.06 -8.50 0.17
C ARG C 243 -24.72 -8.15 -1.16
N ARG C 244 -24.39 -6.97 -1.70
CA ARG C 244 -24.92 -6.50 -2.96
C ARG C 244 -23.86 -5.59 -3.60
N GLU C 245 -24.01 -5.39 -4.91
CA GLU C 245 -23.17 -4.50 -5.68
C GLU C 245 -23.55 -3.06 -5.39
N ALA C 246 -22.59 -2.15 -5.59
CA ALA C 246 -22.85 -0.73 -5.57
C ALA C 246 -23.70 -0.37 -6.77
N SER C 247 -24.68 0.50 -6.55
CA SER C 247 -25.40 1.13 -7.63
C SER C 247 -24.46 2.10 -8.34
N ALA C 248 -24.79 2.40 -9.60
CA ALA C 248 -24.06 3.41 -10.33
C ALA C 248 -24.11 4.74 -9.61
N GLU C 249 -25.26 5.04 -8.99
CA GLU C 249 -25.43 6.30 -8.28
C GLU C 249 -24.50 6.42 -7.07
N GLN C 250 -24.25 5.31 -6.39
CA GLN C 250 -23.34 5.31 -5.24
C GLN C 250 -21.90 5.60 -5.69
N ILE C 251 -21.49 5.08 -6.86
CA ILE C 251 -20.19 5.41 -7.41
C ILE C 251 -20.15 6.90 -7.75
N ALA C 252 -21.23 7.37 -8.40
CA ALA C 252 -21.30 8.75 -8.81
C ALA C 252 -21.19 9.69 -7.61
N ASP C 253 -21.77 9.31 -6.48
CA ASP C 253 -21.74 10.13 -5.27
C ASP C 253 -20.30 10.48 -4.86
N ALA C 254 -19.38 9.52 -4.98
CA ALA C 254 -17.98 9.75 -4.62
C ALA C 254 -17.31 10.71 -5.59
N VAL C 255 -17.68 10.61 -6.88
CA VAL C 255 -17.21 11.53 -7.90
C VAL C 255 -17.66 12.95 -7.58
N ILE C 256 -18.96 13.11 -7.28
CA ILE C 256 -19.50 14.41 -6.93
C ILE C 256 -18.75 15.01 -5.74
N PHE C 257 -18.49 14.20 -4.71
CA PHE C 257 -17.72 14.69 -3.58
C PHE C 257 -16.37 15.24 -4.04
N LEU C 258 -15.61 14.45 -4.82
CA LEU C 258 -14.25 14.82 -5.18
C LEU C 258 -14.19 16.07 -6.06
N VAL C 259 -15.21 16.32 -6.90
CA VAL C 259 -15.18 17.53 -7.69
C VAL C 259 -15.70 18.75 -6.91
N SER C 260 -16.31 18.55 -5.73
CA SER C 260 -16.94 19.61 -4.96
C SER C 260 -15.93 20.48 -4.21
N GLY C 261 -16.42 21.61 -3.68
CA GLY C 261 -15.62 22.46 -2.78
C GLY C 261 -15.33 21.78 -1.44
N SER C 262 -16.04 20.68 -1.13
CA SER C 262 -15.75 19.93 0.08
C SER C 262 -14.48 19.10 -0.01
N ALA C 263 -13.87 19.02 -1.22
CA ALA C 263 -12.67 18.25 -1.45
C ALA C 263 -11.52 19.11 -1.98
N GLN C 264 -11.55 20.41 -1.65
CA GLN C 264 -10.62 21.35 -2.26
C GLN C 264 -9.16 21.14 -1.86
N TYR C 265 -8.88 20.42 -0.77
CA TYR C 265 -7.53 20.13 -0.37
C TYR C 265 -7.12 18.70 -0.77
N ILE C 266 -8.05 17.95 -1.37
CA ILE C 266 -7.82 16.56 -1.73
C ILE C 266 -7.27 16.44 -3.14
N THR C 267 -6.05 15.88 -3.24
CA THR C 267 -5.48 15.51 -4.53
C THR C 267 -4.58 14.30 -4.34
N GLY C 268 -4.51 13.48 -5.38
CA GLY C 268 -3.73 12.27 -5.35
C GLY C 268 -4.40 11.14 -4.57
N SER C 269 -5.69 11.31 -4.23
CA SER C 269 -6.37 10.35 -3.36
C SER C 269 -7.25 9.46 -4.22
N ILE C 270 -7.37 8.19 -3.83
CA ILE C 270 -8.26 7.25 -4.47
C ILE C 270 -9.21 6.72 -3.41
N ILE C 271 -10.51 6.99 -3.57
CA ILE C 271 -11.52 6.59 -2.60
C ILE C 271 -12.09 5.26 -3.05
N LYS C 272 -11.95 4.23 -2.22
CA LYS C 272 -12.64 2.95 -2.47
C LYS C 272 -14.12 3.11 -2.17
N VAL C 273 -14.95 2.59 -3.08
CA VAL C 273 -16.38 2.49 -2.89
C VAL C 273 -16.76 1.02 -3.14
N ASP C 274 -16.45 0.18 -2.16
CA ASP C 274 -16.40 -1.25 -2.40
C ASP C 274 -17.10 -2.06 -1.32
N GLY C 275 -17.76 -1.42 -0.36
CA GLY C 275 -18.49 -2.14 0.69
C GLY C 275 -17.63 -3.10 1.49
N GLY C 276 -16.30 -2.84 1.53
CA GLY C 276 -15.37 -3.67 2.29
C GLY C 276 -14.79 -4.85 1.51
N LEU C 277 -15.14 -5.00 0.21
CA LEU C 277 -14.75 -6.21 -0.54
C LEU C 277 -13.25 -6.42 -0.55
N SER C 278 -12.48 -5.33 -0.73
CA SER C 278 -11.03 -5.43 -0.85
C SER C 278 -10.38 -5.91 0.44
N LEU C 279 -11.11 -5.91 1.56
CA LEU C 279 -10.52 -6.32 2.83
C LEU C 279 -10.78 -7.81 3.12
N VAL C 280 -11.50 -8.52 2.23
CA VAL C 280 -11.93 -9.89 2.50
C VAL C 280 -10.86 -10.87 2.00
N HIS C 281 -10.35 -11.71 2.88
CA HIS C 281 -9.36 -12.70 2.54
C HIS C 281 -9.98 -13.84 1.73
N ALA C 282 -9.12 -14.69 1.15
CA ALA C 282 -9.55 -15.81 0.32
C ALA C 282 -10.38 -16.84 1.10
N GLU D 16 -35.24 12.68 17.37
CA GLU D 16 -35.32 12.73 15.88
C GLU D 16 -33.94 13.06 15.29
N ALA D 17 -33.14 13.94 15.92
CA ALA D 17 -31.83 14.27 15.41
C ALA D 17 -30.84 13.17 15.77
N PRO D 18 -29.94 12.74 14.85
CA PRO D 18 -28.92 11.76 15.21
C PRO D 18 -27.93 12.39 16.18
N ALA D 19 -27.08 11.56 16.80
CA ALA D 19 -26.11 12.05 17.76
C ALA D 19 -24.72 11.48 17.46
N ALA D 20 -23.70 12.29 17.77
CA ALA D 20 -22.32 11.93 17.49
C ALA D 20 -21.45 12.20 18.71
N VAL D 21 -20.47 11.30 18.92
CA VAL D 21 -19.37 11.51 19.86
C VAL D 21 -18.13 11.92 19.06
N VAL D 22 -17.49 13.00 19.49
CA VAL D 22 -16.23 13.41 18.92
C VAL D 22 -15.21 13.51 20.06
N THR D 23 -14.13 12.72 19.98
CA THR D 23 -13.13 12.73 21.04
C THR D 23 -12.17 13.88 20.78
N GLY D 24 -11.64 14.46 21.86
CA GLY D 24 -10.73 15.59 21.76
C GLY D 24 -11.33 16.74 20.96
N ALA D 25 -12.58 17.12 21.26
CA ALA D 25 -13.36 18.02 20.43
C ALA D 25 -13.34 19.48 20.91
N ALA D 26 -12.55 19.80 21.94
CA ALA D 26 -12.61 21.14 22.51
C ALA D 26 -11.90 22.16 21.63
N LYS D 27 -10.91 21.71 20.86
CA LYS D 27 -10.07 22.61 20.09
C LYS D 27 -9.77 22.04 18.71
N ARG D 28 -9.27 22.93 17.82
CA ARG D 28 -8.54 22.54 16.62
C ARG D 28 -9.42 21.64 15.74
N ILE D 29 -8.91 20.50 15.27
CA ILE D 29 -9.61 19.74 14.25
C ILE D 29 -10.85 19.11 14.85
N GLY D 30 -10.76 18.58 16.08
CA GLY D 30 -11.92 17.97 16.69
C GLY D 30 -13.09 18.96 16.88
N ARG D 31 -12.73 20.21 17.20
CA ARG D 31 -13.73 21.26 17.37
C ARG D 31 -14.44 21.51 16.04
N ALA D 32 -13.68 21.57 14.95
CA ALA D 32 -14.24 21.89 13.65
C ALA D 32 -15.15 20.76 13.21
N ILE D 33 -14.78 19.51 13.57
CA ILE D 33 -15.61 18.36 13.27
C ILE D 33 -16.93 18.44 14.03
N ALA D 34 -16.85 18.72 15.33
CA ALA D 34 -18.05 18.84 16.15
C ALA D 34 -18.96 19.95 15.59
N VAL D 35 -18.38 21.09 15.27
CA VAL D 35 -19.16 22.22 14.75
C VAL D 35 -19.85 21.82 13.45
N LYS D 36 -19.12 21.20 12.52
CA LYS D 36 -19.71 20.87 11.23
C LYS D 36 -20.78 19.77 11.39
N LEU D 37 -20.59 18.80 12.28
CA LEU D 37 -21.61 17.79 12.51
C LEU D 37 -22.88 18.46 13.08
N HIS D 38 -22.68 19.39 13.99
CA HIS D 38 -23.78 20.14 14.60
C HIS D 38 -24.53 20.91 13.53
N GLN D 39 -23.80 21.61 12.65
CA GLN D 39 -24.40 22.36 11.55
C GLN D 39 -25.18 21.45 10.61
N THR D 40 -24.79 20.19 10.50
CA THR D 40 -25.44 19.19 9.65
C THR D 40 -26.67 18.60 10.32
N GLY D 41 -26.89 18.89 11.60
CA GLY D 41 -28.10 18.45 12.29
C GLY D 41 -27.85 17.45 13.41
N TYR D 42 -26.58 17.11 13.70
CA TYR D 42 -26.29 16.19 14.79
C TYR D 42 -26.32 16.92 16.14
N ARG D 43 -26.74 16.16 17.15
CA ARG D 43 -26.43 16.43 18.55
C ARG D 43 -25.05 15.83 18.84
N VAL D 44 -24.24 16.51 19.67
CA VAL D 44 -22.84 16.14 19.81
C VAL D 44 -22.43 16.02 21.28
N VAL D 45 -21.63 14.97 21.56
CA VAL D 45 -20.87 14.88 22.79
C VAL D 45 -19.46 15.36 22.50
N ILE D 46 -19.09 16.43 23.20
CA ILE D 46 -17.77 17.04 23.13
C ILE D 46 -16.89 16.40 24.19
N HIS D 47 -16.06 15.42 23.80
CA HIS D 47 -15.16 14.79 24.74
C HIS D 47 -13.93 15.69 24.86
N TYR D 48 -13.38 15.75 26.07
CA TYR D 48 -12.16 16.52 26.32
C TYR D 48 -11.40 15.83 27.46
N HIS D 49 -10.13 16.19 27.62
CA HIS D 49 -9.28 15.67 28.69
C HIS D 49 -8.95 16.82 29.62
N ASN D 50 -8.06 17.73 29.19
CA ASN D 50 -7.66 18.88 30.01
C ASN D 50 -8.39 20.16 29.63
N SER D 51 -8.98 20.26 28.41
CA SER D 51 -9.49 21.54 27.92
C SER D 51 -10.95 21.79 28.33
N ALA D 52 -11.19 21.84 29.64
CA ALA D 52 -12.53 21.94 30.21
C ALA D 52 -13.21 23.25 29.80
N GLU D 53 -12.49 24.36 29.92
CA GLU D 53 -13.04 25.68 29.64
C GLU D 53 -13.45 25.78 28.18
N ALA D 54 -12.57 25.34 27.28
CA ALA D 54 -12.88 25.38 25.85
C ALA D 54 -14.01 24.42 25.51
N ALA D 55 -14.09 23.25 26.17
CA ALA D 55 -15.16 22.30 25.86
C ALA D 55 -16.52 22.88 26.23
N VAL D 56 -16.61 23.45 27.45
CA VAL D 56 -17.85 24.01 27.96
C VAL D 56 -18.29 25.20 27.10
N SER D 57 -17.33 26.05 26.75
CA SER D 57 -17.58 27.18 25.88
C SER D 57 -18.14 26.72 24.53
N LEU D 58 -17.61 25.64 23.94
CA LEU D 58 -18.14 25.14 22.69
C LEU D 58 -19.56 24.60 22.88
N ALA D 59 -19.80 23.85 23.96
CA ALA D 59 -21.14 23.31 24.18
C ALA D 59 -22.15 24.46 24.32
N ASP D 60 -21.72 25.55 24.99
CA ASP D 60 -22.59 26.72 25.19
C ASP D 60 -22.95 27.34 23.84
N GLU D 61 -21.95 27.49 22.96
CA GLU D 61 -22.14 28.07 21.64
C GLU D 61 -23.10 27.20 20.83
N LEU D 62 -22.93 25.88 20.86
CA LEU D 62 -23.80 25.00 20.09
C LEU D 62 -25.22 24.99 20.66
N ASN D 63 -25.36 24.96 21.98
CA ASN D 63 -26.70 24.95 22.60
C ASN D 63 -27.43 26.29 22.40
N LYS D 64 -26.69 27.39 22.32
CA LYS D 64 -27.25 28.70 21.98
C LYS D 64 -27.84 28.67 20.57
N GLU D 65 -27.20 27.96 19.64
CA GLU D 65 -27.73 27.80 18.30
C GLU D 65 -28.99 26.90 18.32
N ARG D 66 -28.93 25.73 18.97
CA ARG D 66 -30.09 24.86 19.13
C ARG D 66 -30.05 24.24 20.51
N SER D 67 -31.10 24.46 21.31
CA SER D 67 -31.06 24.05 22.70
C SER D 67 -30.99 22.52 22.85
N ASN D 68 -30.26 22.07 23.86
CA ASN D 68 -30.18 20.66 24.25
C ASN D 68 -29.58 19.82 23.12
N THR D 69 -28.56 20.35 22.45
CA THR D 69 -27.96 19.61 21.35
C THR D 69 -26.47 19.32 21.58
N ALA D 70 -25.90 19.75 22.71
CA ALA D 70 -24.49 19.53 23.01
C ALA D 70 -24.30 19.26 24.50
N VAL D 71 -23.44 18.27 24.83
CA VAL D 71 -22.94 18.09 26.20
C VAL D 71 -21.44 17.89 26.11
N VAL D 72 -20.76 18.07 27.23
CA VAL D 72 -19.34 17.71 27.35
C VAL D 72 -19.19 16.40 28.13
N CYS D 73 -18.04 15.76 27.91
CA CYS D 73 -17.72 14.50 28.56
C CYS D 73 -16.22 14.41 28.76
N GLN D 74 -15.79 14.33 30.03
CA GLN D 74 -14.37 14.35 30.38
C GLN D 74 -13.85 12.91 30.49
N ALA D 75 -12.70 12.64 29.85
CA ALA D 75 -12.02 11.37 30.07
C ALA D 75 -10.58 11.43 29.61
N ASP D 76 -9.71 10.84 30.43
CA ASP D 76 -8.36 10.48 30.05
C ASP D 76 -8.43 9.21 29.19
N LEU D 77 -7.78 9.24 28.01
CA LEU D 77 -7.79 8.10 27.11
C LEU D 77 -6.41 7.45 27.03
N THR D 78 -5.54 7.77 28.00
CA THR D 78 -4.31 7.01 28.23
C THR D 78 -4.67 5.55 28.49
N ASN D 79 -3.82 4.62 28.01
CA ASN D 79 -4.06 3.21 28.29
C ASN D 79 -3.86 2.93 29.79
N SER D 80 -4.75 2.13 30.36
CA SER D 80 -4.73 1.67 31.74
C SER D 80 -5.79 0.57 31.87
N ASN D 81 -5.87 -0.06 33.04
CA ASN D 81 -6.88 -1.08 33.27
C ASN D 81 -8.28 -0.48 33.38
N VAL D 82 -8.41 0.83 33.55
CA VAL D 82 -9.72 1.47 33.63
C VAL D 82 -10.14 2.10 32.28
N LEU D 83 -9.27 2.09 31.27
CA LEU D 83 -9.62 2.72 30.01
C LEU D 83 -10.89 2.09 29.43
N PRO D 84 -11.10 0.76 29.46
CA PRO D 84 -12.33 0.18 28.93
C PRO D 84 -13.59 0.79 29.55
N ALA D 85 -13.58 0.99 30.88
CA ALA D 85 -14.70 1.61 31.57
C ALA D 85 -14.85 3.07 31.15
N SER D 86 -13.74 3.81 31.01
CA SER D 86 -13.84 5.19 30.57
C SER D 86 -14.48 5.30 29.17
N CYS D 87 -14.12 4.37 28.27
CA CYS D 87 -14.62 4.43 26.90
C CYS D 87 -16.10 4.03 26.87
N GLU D 88 -16.47 3.01 27.65
CA GLU D 88 -17.87 2.67 27.82
C GLU D 88 -18.65 3.89 28.32
N GLU D 89 -18.07 4.68 29.23
CA GLU D 89 -18.79 5.79 29.83
C GLU D 89 -18.95 6.93 28.82
N ILE D 90 -18.00 7.11 27.89
CA ILE D 90 -18.15 8.11 26.85
C ILE D 90 -19.36 7.75 25.96
N ILE D 91 -19.45 6.51 25.51
CA ILE D 91 -20.60 6.10 24.71
C ILE D 91 -21.87 6.23 25.57
N ASN D 92 -21.84 5.76 26.82
CA ASN D 92 -23.00 5.87 27.71
C ASN D 92 -23.45 7.31 27.84
N SER D 93 -22.50 8.27 27.85
CA SER D 93 -22.84 9.68 27.99
C SER D 93 -23.68 10.16 26.80
N CYS D 94 -23.41 9.61 25.60
CA CYS D 94 -24.19 9.95 24.42
C CYS D 94 -25.62 9.42 24.55
N PHE D 95 -25.78 8.17 24.98
CA PHE D 95 -27.11 7.60 25.19
C PHE D 95 -27.85 8.34 26.31
N ARG D 96 -27.15 8.78 27.35
CA ARG D 96 -27.78 9.46 28.48
C ARG D 96 -28.31 10.81 28.04
N ALA D 97 -27.53 11.54 27.24
CA ALA D 97 -27.92 12.88 26.82
C ALA D 97 -28.98 12.81 25.72
N PHE D 98 -28.82 11.90 24.74
CA PHE D 98 -29.55 12.02 23.49
C PHE D 98 -30.39 10.78 23.17
N GLY D 99 -30.26 9.71 23.95
CA GLY D 99 -31.04 8.48 23.74
C GLY D 99 -30.57 7.62 22.57
N ARG D 100 -29.44 7.98 21.93
CA ARG D 100 -28.94 7.25 20.78
C ARG D 100 -27.49 7.66 20.54
N CYS D 101 -26.78 6.85 19.72
CA CYS D 101 -25.41 7.16 19.31
C CYS D 101 -25.17 6.66 17.89
N ASP D 102 -25.18 7.57 16.93
CA ASP D 102 -25.15 7.25 15.51
C ASP D 102 -23.74 7.28 14.93
N VAL D 103 -22.91 8.22 15.41
CA VAL D 103 -21.58 8.46 14.85
C VAL D 103 -20.56 8.55 15.97
N LEU D 104 -19.41 7.89 15.76
CA LEU D 104 -18.22 8.04 16.61
C LEU D 104 -17.08 8.57 15.74
N VAL D 105 -16.47 9.67 16.19
CA VAL D 105 -15.28 10.19 15.55
C VAL D 105 -14.12 10.08 16.54
N ASN D 106 -13.15 9.21 16.22
CA ASN D 106 -11.95 9.06 17.02
C ASN D 106 -10.88 10.05 16.56
N ASN D 107 -10.80 11.16 17.30
CA ASN D 107 -9.98 12.29 16.94
C ASN D 107 -8.86 12.50 17.97
N ALA D 108 -9.14 12.31 19.27
CA ALA D 108 -8.18 12.62 20.32
C ALA D 108 -6.88 11.85 20.09
N SER D 109 -5.76 12.52 20.33
CA SER D 109 -4.47 11.97 19.96
C SER D 109 -3.32 12.68 20.68
N ALA D 110 -2.47 11.89 21.37
CA ALA D 110 -1.21 12.41 21.88
C ALA D 110 -0.19 12.32 20.77
N PHE D 111 0.74 13.29 20.76
CA PHE D 111 1.67 13.45 19.68
C PHE D 111 2.94 14.10 20.21
N TYR D 112 4.03 13.34 20.27
CA TYR D 112 5.32 13.90 20.68
C TYR D 112 6.39 12.86 20.37
N PRO D 113 7.66 13.27 20.25
CA PRO D 113 8.73 12.35 19.90
C PRO D 113 9.08 11.38 21.01
N THR D 114 9.54 10.18 20.61
CA THR D 114 10.02 9.13 21.48
C THR D 114 11.26 8.53 20.81
N PRO D 115 12.41 9.23 20.85
CA PRO D 115 13.62 8.75 20.21
C PRO D 115 14.01 7.34 20.68
N LEU D 116 14.53 6.55 19.74
CA LEU D 116 14.96 5.20 20.03
C LEU D 116 16.29 5.24 20.78
N VAL D 117 17.13 6.25 20.49
CA VAL D 117 18.41 6.42 21.15
C VAL D 117 18.43 7.81 21.78
N GLN D 118 18.81 7.90 23.07
CA GLN D 118 18.62 9.12 23.85
C GLN D 118 19.69 10.18 23.52
N GLY D 127 9.77 14.80 31.80
CA GLY D 127 10.53 13.57 32.12
C GLY D 127 9.62 12.36 32.24
N LYS D 128 8.90 12.05 31.16
CA LYS D 128 7.96 10.93 31.17
C LYS D 128 8.71 9.62 31.02
N THR D 129 8.28 8.60 31.76
CA THR D 129 8.82 7.26 31.61
C THR D 129 8.39 6.71 30.25
N VAL D 130 9.12 5.71 29.76
CA VAL D 130 8.73 5.11 28.51
C VAL D 130 7.38 4.37 28.67
N GLU D 131 7.12 3.81 29.86
CA GLU D 131 5.85 3.19 30.17
C GLU D 131 4.70 4.17 29.94
N THR D 132 4.88 5.43 30.36
CA THR D 132 3.87 6.48 30.21
C THR D 132 3.74 6.88 28.74
N GLN D 133 4.86 7.00 28.03
CA GLN D 133 4.81 7.35 26.62
C GLN D 133 4.02 6.29 25.84
N VAL D 134 4.29 5.04 26.12
CA VAL D 134 3.54 3.95 25.50
C VAL D 134 2.05 4.12 25.79
N ALA D 135 1.72 4.26 27.08
CA ALA D 135 0.33 4.32 27.50
C ALA D 135 -0.40 5.48 26.81
N GLU D 136 0.24 6.66 26.68
CA GLU D 136 -0.43 7.82 26.12
C GLU D 136 -0.51 7.73 24.58
N LEU D 137 0.62 7.41 23.93
CA LEU D 137 0.66 7.42 22.48
C LEU D 137 -0.13 6.25 21.90
N ILE D 138 0.00 5.04 22.46
CA ILE D 138 -0.72 3.89 21.94
C ILE D 138 -2.16 3.90 22.46
N GLY D 139 -2.36 4.36 23.68
CA GLY D 139 -3.70 4.48 24.24
C GLY D 139 -4.60 5.40 23.44
N THR D 140 -4.14 6.65 23.20
CA THR D 140 -4.99 7.63 22.57
C THR D 140 -5.19 7.29 21.10
N ASN D 141 -4.13 6.83 20.42
CA ASN D 141 -4.18 6.70 18.98
C ASN D 141 -4.77 5.37 18.53
N ALA D 142 -4.80 4.35 19.40
CA ALA D 142 -5.19 3.01 18.97
C ALA D 142 -6.12 2.31 19.97
N ILE D 143 -5.71 2.17 21.24
CA ILE D 143 -6.46 1.34 22.16
C ILE D 143 -7.82 1.98 22.48
N ALA D 144 -7.84 3.28 22.81
CA ALA D 144 -9.07 3.97 23.11
C ALA D 144 -10.01 3.88 21.90
N PRO D 145 -9.58 4.18 20.65
CA PRO D 145 -10.44 3.92 19.50
C PRO D 145 -11.03 2.52 19.43
N PHE D 146 -10.21 1.50 19.72
CA PHE D 146 -10.69 0.13 19.75
C PHE D 146 -11.82 -0.06 20.77
N LEU D 147 -11.59 0.45 21.99
CA LEU D 147 -12.53 0.25 23.09
C LEU D 147 -13.80 1.05 22.85
N LEU D 148 -13.66 2.27 22.31
CA LEU D 148 -14.83 3.07 21.94
C LEU D 148 -15.64 2.38 20.86
N THR D 149 -14.94 1.76 19.90
CA THR D 149 -15.58 1.04 18.82
C THR D 149 -16.38 -0.13 19.39
N MET D 150 -15.77 -0.91 20.31
CA MET D 150 -16.44 -2.01 20.97
C MET D 150 -17.70 -1.51 21.67
N SER D 151 -17.57 -0.45 22.47
CA SER D 151 -18.70 0.05 23.25
C SER D 151 -19.79 0.61 22.31
N PHE D 152 -19.38 1.30 21.24
CA PHE D 152 -20.32 1.82 20.27
C PHE D 152 -21.14 0.69 19.67
N ALA D 153 -20.45 -0.37 19.22
CA ALA D 153 -21.10 -1.50 18.59
C ALA D 153 -22.01 -2.25 19.58
N GLN D 154 -21.53 -2.46 20.80
CA GLN D 154 -22.29 -3.20 21.80
C GLN D 154 -23.64 -2.54 22.07
N ARG D 155 -23.67 -1.20 22.11
CA ARG D 155 -24.86 -0.46 22.48
C ARG D 155 -25.85 -0.35 21.34
N GLN D 156 -25.52 -0.74 20.10
CA GLN D 156 -26.52 -0.79 19.06
C GLN D 156 -27.28 -2.11 19.18
N SER D 166 -31.46 4.21 9.73
CA SER D 166 -30.21 4.43 10.51
C SER D 166 -28.98 4.50 9.58
N ASN D 167 -28.06 5.38 9.92
CA ASN D 167 -26.81 5.49 9.18
C ASN D 167 -25.69 5.57 10.22
N LEU D 168 -25.29 4.39 10.71
CA LEU D 168 -24.32 4.29 11.80
C LEU D 168 -22.93 4.25 11.17
N SER D 169 -22.00 5.07 11.69
CA SER D 169 -20.65 4.95 11.21
C SER D 169 -19.63 5.52 12.21
N ILE D 170 -18.40 5.04 12.01
CA ILE D 170 -17.24 5.47 12.77
C ILE D 170 -16.26 6.11 11.78
N VAL D 171 -15.65 7.23 12.19
CA VAL D 171 -14.58 7.84 11.40
C VAL D 171 -13.37 7.99 12.32
N ASN D 172 -12.24 7.40 11.91
CA ASN D 172 -10.98 7.50 12.63
C ASN D 172 -10.10 8.56 11.99
N LEU D 173 -9.52 9.42 12.82
CA LEU D 173 -8.54 10.36 12.31
C LEU D 173 -7.17 9.69 12.23
N CYS D 174 -6.75 9.42 11.00
CA CYS D 174 -5.55 8.66 10.69
C CYS D 174 -4.43 9.66 10.36
N ASP D 175 -3.48 9.30 9.51
CA ASP D 175 -2.35 10.16 9.21
C ASP D 175 -1.81 9.80 7.83
N ALA D 176 -1.88 10.74 6.88
CA ALA D 176 -1.48 10.45 5.52
C ALA D 176 -0.01 10.09 5.41
N MET D 177 0.80 10.49 6.42
CA MET D 177 2.24 10.32 6.38
C MET D 177 2.71 9.07 7.14
N VAL D 178 1.82 8.07 7.35
CA VAL D 178 2.18 6.94 8.20
C VAL D 178 3.32 6.14 7.60
N ASP D 179 3.47 6.14 6.26
CA ASP D 179 4.53 5.36 5.65
C ASP D 179 5.73 6.22 5.26
N GLN D 180 5.72 7.50 5.64
CA GLN D 180 6.87 8.37 5.47
C GLN D 180 7.04 9.11 6.79
N PRO D 181 7.36 8.36 7.87
CA PRO D 181 7.22 8.89 9.21
C PRO D 181 8.27 9.95 9.56
N CYS D 182 7.89 10.81 10.50
CA CYS D 182 8.77 11.79 11.10
C CYS D 182 9.80 11.09 11.97
N MET D 183 11.07 11.49 11.81
CA MET D 183 12.19 10.97 12.60
C MET D 183 11.89 11.08 14.09
N ALA D 184 12.05 9.99 14.85
CA ALA D 184 11.94 9.94 16.30
C ALA D 184 10.49 9.91 16.79
N PHE D 185 9.51 9.64 15.91
CA PHE D 185 8.11 9.54 16.29
C PHE D 185 7.60 8.10 16.18
N SER D 186 8.43 7.11 16.54
CA SER D 186 8.11 5.71 16.30
C SER D 186 6.84 5.26 17.06
N LEU D 187 6.65 5.63 18.33
CA LEU D 187 5.48 5.18 19.06
C LEU D 187 4.21 5.84 18.53
N TYR D 188 4.25 7.15 18.27
CA TYR D 188 3.12 7.82 17.63
C TYR D 188 2.76 7.09 16.33
N ASN D 189 3.78 6.80 15.52
CA ASN D 189 3.58 6.21 14.20
C ASN D 189 2.98 4.80 14.35
N MET D 190 3.45 4.06 15.36
CA MET D 190 2.93 2.72 15.62
C MET D 190 1.44 2.80 15.92
N GLY D 191 1.07 3.81 16.70
CA GLY D 191 -0.30 4.06 17.09
C GLY D 191 -1.20 4.32 15.89
N LYS D 192 -0.75 5.18 14.97
CA LYS D 192 -1.51 5.50 13.78
C LYS D 192 -1.58 4.32 12.82
N HIS D 193 -0.53 3.52 12.75
CA HIS D 193 -0.60 2.30 11.94
C HIS D 193 -1.63 1.32 12.50
N ALA D 194 -1.63 1.14 13.83
CA ALA D 194 -2.62 0.32 14.51
C ALA D 194 -4.02 0.81 14.21
N LEU D 195 -4.21 2.12 14.13
CA LEU D 195 -5.54 2.69 13.86
C LEU D 195 -6.02 2.33 12.44
N VAL D 196 -5.09 2.28 11.47
CA VAL D 196 -5.42 1.79 10.13
C VAL D 196 -5.94 0.35 10.25
N GLY D 197 -5.22 -0.50 10.99
CA GLY D 197 -5.63 -1.89 11.20
C GLY D 197 -7.04 -1.97 11.78
N LEU D 198 -7.30 -1.14 12.80
CA LEU D 198 -8.60 -1.13 13.43
C LEU D 198 -9.69 -0.72 12.43
N THR D 199 -9.41 0.34 11.66
CA THR D 199 -10.34 0.83 10.67
C THR D 199 -10.79 -0.33 9.78
N GLN D 200 -9.83 -1.10 9.29
CA GLN D 200 -10.10 -2.16 8.33
C GLN D 200 -10.76 -3.35 9.02
N SER D 201 -10.21 -3.80 10.16
CA SER D 201 -10.75 -4.91 10.93
C SER D 201 -12.20 -4.64 11.35
N ALA D 202 -12.42 -3.44 11.91
CA ALA D 202 -13.75 -3.08 12.37
C ALA D 202 -14.72 -2.90 11.21
N ALA D 203 -14.28 -2.37 10.07
CA ALA D 203 -15.18 -2.28 8.92
C ALA D 203 -15.74 -3.66 8.58
N LEU D 204 -14.86 -4.64 8.51
CA LEU D 204 -15.21 -6.00 8.15
C LEU D 204 -16.17 -6.61 9.18
N GLU D 205 -15.81 -6.48 10.46
CA GLU D 205 -16.54 -7.16 11.53
C GLU D 205 -17.89 -6.50 11.80
N LEU D 206 -18.02 -5.18 11.60
CA LEU D 206 -19.25 -4.49 11.91
C LEU D 206 -20.15 -4.29 10.69
N ALA D 207 -19.66 -4.63 9.48
CA ALA D 207 -20.47 -4.50 8.27
C ALA D 207 -21.82 -5.25 8.42
N PRO D 208 -21.87 -6.48 8.99
CA PRO D 208 -23.15 -7.17 9.17
C PRO D 208 -24.14 -6.42 10.04
N TYR D 209 -23.67 -5.50 10.91
CA TYR D 209 -24.55 -4.68 11.71
C TYR D 209 -24.91 -3.36 11.02
N GLY D 210 -24.47 -3.16 9.77
CA GLY D 210 -24.70 -1.90 9.08
C GLY D 210 -23.88 -0.74 9.64
N ILE D 211 -22.81 -1.02 10.38
CA ILE D 211 -21.94 0.05 10.86
C ILE D 211 -20.73 0.17 9.90
N ARG D 212 -20.58 1.35 9.31
CA ARG D 212 -19.45 1.60 8.43
C ARG D 212 -18.30 2.17 9.26
N VAL D 213 -17.08 1.88 8.85
CA VAL D 213 -15.90 2.32 9.57
C VAL D 213 -14.90 2.83 8.54
N ASN D 214 -14.55 4.13 8.63
CA ASN D 214 -13.69 4.74 7.63
C ASN D 214 -12.71 5.66 8.34
N GLY D 215 -11.78 6.22 7.58
CA GLY D 215 -10.79 7.12 8.15
C GLY D 215 -10.60 8.35 7.28
N VAL D 216 -10.09 9.38 7.92
CA VAL D 216 -9.65 10.59 7.27
C VAL D 216 -8.21 10.82 7.70
N ALA D 217 -7.33 11.02 6.72
CA ALA D 217 -5.89 11.03 6.96
C ALA D 217 -5.32 12.39 6.54
N PRO D 218 -5.15 13.33 7.48
CA PRO D 218 -4.50 14.61 7.15
C PRO D 218 -3.02 14.44 6.84
N GLY D 219 -2.45 15.38 6.08
CA GLY D 219 -1.01 15.51 5.97
C GLY D 219 -0.48 16.57 6.95
N VAL D 220 -0.33 17.79 6.45
CA VAL D 220 -0.12 18.97 7.27
C VAL D 220 -1.47 19.68 7.39
N SER D 221 -2.03 19.66 8.60
CA SER D 221 -3.15 20.50 8.94
C SER D 221 -2.65 21.47 10.01
N LEU D 222 -3.50 21.80 10.99
CA LEU D 222 -3.15 22.79 11.99
C LEU D 222 -1.84 22.42 12.69
N LEU D 223 -0.89 23.35 12.60
CA LEU D 223 0.44 23.12 13.11
C LEU D 223 0.45 23.28 14.62
N PRO D 224 1.41 22.67 15.33
CA PRO D 224 1.40 22.72 16.79
C PRO D 224 1.51 24.16 17.28
N VAL D 225 0.82 24.49 18.38
CA VAL D 225 0.84 25.86 18.90
C VAL D 225 2.28 26.25 19.26
N ALA D 226 3.05 25.28 19.73
CA ALA D 226 4.41 25.48 20.23
C ALA D 226 5.44 25.56 19.11
N MET D 227 5.08 25.32 17.86
CA MET D 227 6.06 25.33 16.78
C MET D 227 6.38 26.77 16.39
N GLY D 228 7.67 27.08 16.14
CA GLY D 228 8.08 28.39 15.65
C GLY D 228 7.58 28.65 14.22
N GLU D 229 7.42 29.93 13.88
CA GLU D 229 6.85 30.31 12.59
C GLU D 229 7.74 29.87 11.43
N GLU D 230 9.05 29.85 11.66
CA GLU D 230 10.01 29.51 10.64
C GLU D 230 9.84 28.03 10.27
N GLU D 231 9.67 27.19 11.28
CA GLU D 231 9.43 25.77 11.05
C GLU D 231 8.05 25.56 10.40
N LYS D 232 7.00 26.26 10.85
CA LYS D 232 5.68 26.14 10.25
C LYS D 232 5.77 26.39 8.75
N ASP D 233 6.51 27.43 8.36
CA ASP D 233 6.59 27.80 6.95
C ASP D 233 7.35 26.73 6.15
N LYS D 234 8.35 26.12 6.79
CA LYS D 234 9.12 25.05 6.15
C LYS D 234 8.17 23.91 5.75
N TRP D 235 7.27 23.51 6.64
CA TRP D 235 6.35 22.40 6.37
C TRP D 235 5.26 22.83 5.39
N ARG D 236 4.75 24.06 5.51
CA ARG D 236 3.73 24.54 4.60
C ARG D 236 4.21 24.48 3.16
N ARG D 237 5.47 24.90 2.95
CA ARG D 237 5.94 25.02 1.58
C ARG D 237 6.26 23.67 0.95
N LYS D 238 6.12 22.56 1.70
CA LYS D 238 6.28 21.23 1.12
C LYS D 238 5.00 20.72 0.45
N VAL D 239 3.88 21.38 0.70
CA VAL D 239 2.60 20.88 0.21
C VAL D 239 2.39 21.29 -1.23
N PRO D 240 2.28 20.32 -2.19
CA PRO D 240 2.08 20.64 -3.59
C PRO D 240 0.86 21.50 -3.89
N LEU D 241 -0.29 21.19 -3.28
CA LEU D 241 -1.50 21.91 -3.60
C LEU D 241 -1.61 23.14 -2.70
N GLY D 242 -1.05 24.27 -3.17
CA GLY D 242 -1.26 25.56 -2.54
C GLY D 242 -0.20 25.95 -1.50
N ARG D 243 0.76 25.07 -1.18
CA ARG D 243 1.85 25.38 -0.26
C ARG D 243 1.32 25.90 1.07
N ARG D 244 0.25 25.29 1.58
CA ARG D 244 -0.35 25.67 2.85
C ARG D 244 -0.89 24.38 3.50
N GLU D 245 -1.11 24.44 4.82
CA GLU D 245 -1.72 23.39 5.61
C GLU D 245 -3.23 23.38 5.34
N ALA D 246 -3.86 22.23 5.58
CA ALA D 246 -5.30 22.11 5.57
C ALA D 246 -5.86 22.84 6.76
N SER D 247 -6.95 23.59 6.53
CA SER D 247 -7.75 24.12 7.62
C SER D 247 -8.43 22.95 8.32
N ALA D 248 -8.83 23.18 9.58
CA ALA D 248 -9.59 22.21 10.33
C ALA D 248 -10.90 21.91 9.61
N GLU D 249 -11.48 22.94 8.97
CA GLU D 249 -12.75 22.80 8.28
C GLU D 249 -12.63 21.85 7.06
N GLN D 250 -11.50 21.92 6.37
CA GLN D 250 -11.25 21.04 5.23
C GLN D 250 -11.16 19.58 5.67
N ILE D 251 -10.53 19.33 6.82
CA ILE D 251 -10.52 17.98 7.39
C ILE D 251 -11.95 17.56 7.72
N ALA D 252 -12.68 18.46 8.39
CA ALA D 252 -14.03 18.16 8.81
C ALA D 252 -14.93 17.82 7.63
N ASP D 253 -14.72 18.47 6.48
CA ASP D 253 -15.52 18.24 5.28
C ASP D 253 -15.46 16.77 4.86
N ALA D 254 -14.28 16.14 5.01
CA ALA D 254 -14.13 14.75 4.62
C ALA D 254 -14.89 13.83 5.59
N VAL D 255 -14.88 14.20 6.88
CA VAL D 255 -15.62 13.48 7.90
C VAL D 255 -17.12 13.55 7.60
N ILE D 256 -17.62 14.74 7.31
CA ILE D 256 -19.03 14.95 6.96
C ILE D 256 -19.42 14.08 5.77
N PHE D 257 -18.56 14.04 4.74
CA PHE D 257 -18.84 13.16 3.61
C PHE D 257 -19.00 11.71 4.07
N LEU D 258 -18.03 11.20 4.85
CA LEU D 258 -18.04 9.79 5.21
C LEU D 258 -19.22 9.40 6.10
N VAL D 259 -19.72 10.34 6.94
CA VAL D 259 -20.89 9.98 7.74
C VAL D 259 -22.20 10.15 6.97
N SER D 260 -22.19 10.82 5.79
CA SER D 260 -23.38 11.15 5.03
C SER D 260 -23.94 9.94 4.27
N GLY D 261 -25.16 10.12 3.73
CA GLY D 261 -25.78 9.15 2.84
C GLY D 261 -25.04 9.05 1.50
N SER D 262 -24.17 10.01 1.17
CA SER D 262 -23.39 9.94 -0.05
C SER D 262 -22.25 8.93 0.05
N ALA D 263 -22.02 8.37 1.24
CA ALA D 263 -20.97 7.39 1.48
C ALA D 263 -21.51 6.06 2.00
N GLN D 264 -22.77 5.75 1.67
CA GLN D 264 -23.43 4.59 2.25
C GLN D 264 -22.84 3.26 1.82
N TYR D 265 -22.09 3.21 0.71
CA TYR D 265 -21.45 1.97 0.30
C TYR D 265 -19.99 1.92 0.70
N ILE D 266 -19.49 3.01 1.32
CA ILE D 266 -18.09 3.16 1.67
C ILE D 266 -17.82 2.65 3.07
N THR D 267 -16.98 1.61 3.17
CA THR D 267 -16.46 1.16 4.45
C THR D 267 -15.06 0.61 4.27
N GLY D 268 -14.24 0.78 5.30
CA GLY D 268 -12.86 0.35 5.27
C GLY D 268 -11.95 1.30 4.49
N SER D 269 -12.44 2.48 4.15
CA SER D 269 -11.72 3.39 3.29
C SER D 269 -11.08 4.47 4.13
N ILE D 270 -9.87 4.90 3.72
CA ILE D 270 -9.18 6.00 4.37
C ILE D 270 -8.91 7.07 3.31
N ILE D 271 -9.53 8.24 3.49
CA ILE D 271 -9.40 9.33 2.54
C ILE D 271 -8.26 10.23 2.99
N LYS D 272 -7.22 10.35 2.17
CA LYS D 272 -6.16 11.34 2.42
C LYS D 272 -6.70 12.73 2.10
N VAL D 273 -6.43 13.66 3.01
CA VAL D 273 -6.70 15.07 2.81
C VAL D 273 -5.39 15.82 3.05
N ASP D 274 -4.48 15.72 2.08
CA ASP D 274 -3.09 16.06 2.31
C ASP D 274 -2.50 16.95 1.23
N GLY D 275 -3.30 17.43 0.27
CA GLY D 275 -2.80 18.32 -0.78
C GLY D 275 -1.65 17.74 -1.58
N GLY D 276 -1.54 16.41 -1.63
CA GLY D 276 -0.50 15.72 -2.38
C GLY D 276 0.79 15.47 -1.62
N LEU D 277 0.85 15.82 -0.33
CA LEU D 277 2.09 15.77 0.44
C LEU D 277 2.71 14.37 0.43
N SER D 278 1.86 13.34 0.59
CA SER D 278 2.34 11.97 0.72
C SER D 278 2.96 11.48 -0.59
N LEU D 279 2.76 12.18 -1.70
CA LEU D 279 3.32 11.76 -2.98
C LEU D 279 4.69 12.38 -3.26
N VAL D 280 5.18 13.25 -2.38
CA VAL D 280 6.40 14.03 -2.63
C VAL D 280 7.62 13.24 -2.15
N HIS D 281 8.57 12.99 -3.05
CA HIS D 281 9.81 12.29 -2.71
C HIS D 281 10.73 13.20 -1.88
N ALA D 282 11.77 12.60 -1.29
CA ALA D 282 12.73 13.31 -0.46
C ALA D 282 13.50 14.40 -1.24
PA NAP E . 19.11 1.58 -18.11
O1A NAP E . 20.58 1.59 -18.10
O2A NAP E . 18.47 2.90 -18.08
O5B NAP E . 18.52 0.71 -19.30
C5B NAP E . 18.78 -0.71 -19.38
C4B NAP E . 18.77 -1.13 -20.82
O4B NAP E . 17.44 -1.02 -21.33
C3B NAP E . 19.58 -0.24 -21.78
O3B NAP E . 20.98 -0.51 -21.68
C2B NAP E . 18.92 -0.59 -23.12
O2B NAP E . 19.61 -1.60 -23.88
C1B NAP E . 17.56 -1.19 -22.71
N9A NAP E . 16.42 -0.59 -23.38
C8A NAP E . 16.04 0.72 -23.42
N7A NAP E . 15.13 1.00 -24.34
C5A NAP E . 14.91 -0.22 -24.95
C6A NAP E . 14.09 -0.62 -26.02
N6A NAP E . 13.31 0.23 -26.74
N1A NAP E . 14.11 -1.92 -26.39
C2A NAP E . 14.90 -2.76 -25.71
N3A NAP E . 15.71 -2.50 -24.70
C4A NAP E . 15.68 -1.22 -24.37
O3 NAP E . 18.69 0.70 -16.83
PN NAP E . 19.35 0.60 -15.37
O1N NAP E . 20.44 -0.41 -15.42
O2N NAP E . 19.69 1.95 -14.87
O5D NAP E . 18.19 0.02 -14.48
C5D NAP E . 17.81 -1.37 -14.63
C4D NAP E . 16.40 -1.58 -14.17
O4D NAP E . 16.29 -1.10 -12.81
C3D NAP E . 15.32 -0.84 -14.96
O3D NAP E . 14.13 -1.64 -15.12
C2D NAP E . 15.08 0.40 -14.12
O2D NAP E . 13.83 1.01 -14.41
C1D NAP E . 15.26 -0.16 -12.72
N1N NAP E . 15.64 0.88 -11.74
C2N NAP E . 16.86 1.44 -11.80
C3N NAP E . 17.16 2.56 -11.04
C7N NAP E . 18.50 3.26 -11.05
O7N NAP E . 18.79 4.05 -10.14
N7N NAP E . 19.32 3.03 -12.06
C4N NAP E . 16.16 3.08 -10.20
C5N NAP E . 14.91 2.47 -10.16
C6N NAP E . 14.67 1.36 -10.93
P2B NAP E . 20.72 -1.10 -24.96
O1X NAP E . 21.78 -0.37 -24.18
O2X NAP E . 20.08 -0.24 -26.05
O3X NAP E . 21.13 -2.47 -25.45
N1 XSH F . 15.42 2.50 -16.92
C1 XSH F . 15.83 3.31 -15.94
N2 XSH F . 14.94 3.54 -14.95
C2 XSH F . 15.30 4.32 -13.94
C3 XSH F . 16.62 4.94 -13.90
C4 XSH F . 17.12 5.83 -12.88
C5 XSH F . 18.39 6.34 -12.95
C6 XSH F . 19.20 6.02 -14.06
C7 XSH F . 18.77 5.18 -15.05
C8 XSH F . 17.46 4.65 -15.00
N3 XSH F . 17.08 3.80 -16.02
O1 XSH F . 16.30 6.13 -11.86
C9 XSH F . 16.66 7.10 -10.86
C10 XSH F . 15.68 7.02 -9.69
C11 XSH F . 16.13 7.94 -8.56
C12 XSH F . 15.10 7.98 -7.44
N4 XSH F . 13.79 8.41 -7.96
C13 XSH F . 13.26 7.52 -9.00
C14 XSH F . 14.25 7.36 -10.15
C15 XSH F . 13.10 9.52 -7.60
O2 XSH F . 11.89 9.65 -7.87
C16 XSH F . 13.72 10.77 -6.95
C17 XSH F . 15.20 11.02 -6.74
C18 XSH F . 15.53 10.90 -5.31
C19 XSH F . 15.97 10.95 -4.21
N5 XSH F . 13.22 11.81 -7.85
C20 XSH F . 13.76 12.18 -9.02
O3 XSH F . 14.75 11.64 -9.54
C21 XSH F . 13.02 13.39 -9.60
N6 XSH F . 14.37 4.50 -12.99
PA NAP G . 3.42 -19.02 17.94
O1A NAP G . 3.86 -20.41 17.95
O2A NAP G . 2.00 -18.63 17.95
O5B NAP G . 4.11 -18.19 19.12
C5B NAP G . 5.53 -18.21 19.22
C4B NAP G . 5.94 -17.99 20.64
O4B NAP G . 5.49 -16.71 21.12
C3B NAP G . 5.33 -18.97 21.64
O3B NAP G . 5.96 -20.25 21.53
C2B NAP G . 5.49 -18.21 22.95
O2B NAP G . 6.64 -18.62 23.71
C1B NAP G . 5.69 -16.75 22.51
N9A NAP G . 4.80 -15.83 23.19
C8A NAP G . 3.43 -15.81 23.23
N7A NAP G . 2.94 -15.03 24.15
C5A NAP G . 4.06 -14.50 24.78
C6A NAP G . 4.22 -13.63 25.87
N6A NAP G . 3.22 -13.18 26.59
N1A NAP G . 5.48 -13.31 26.25
C2A NAP G . 6.51 -13.84 25.58
N3A NAP G . 6.48 -14.69 24.54
C4A NAP G . 5.21 -14.99 24.19
O3 NAP G . 4.17 -18.40 16.66
PN NAP G . 4.41 -18.93 15.18
O1N NAP G . 5.65 -19.75 15.22
O2N NAP G . 3.14 -19.56 14.73
O5D NAP G . 4.66 -17.59 14.36
C5D NAP G . 5.93 -16.89 14.52
C4D NAP G . 5.73 -15.46 14.04
O4D NAP G . 5.23 -15.45 12.68
C3D NAP G . 4.73 -14.68 14.87
O3D NAP G . 5.17 -13.34 15.04
C2D NAP G . 3.47 -14.76 14.05
O2D NAP G . 2.56 -13.69 14.27
C1D NAP G . 4.04 -14.71 12.63
N1N NAP G . 3.11 -15.34 11.67
C2N NAP G . 2.86 -16.67 11.77
C3N NAP G . 1.92 -17.26 10.95
C7N NAP G . 1.64 -18.74 10.96
O7N NAP G . 0.95 -19.21 10.03
N7N NAP G . 2.14 -19.48 11.96
C4N NAP G . 1.22 -16.47 10.04
C5N NAP G . 1.50 -15.10 9.97
C6N NAP G . 2.44 -14.56 10.79
P2B NAP G . 6.55 -19.85 24.81
O1X NAP G . 6.08 -21.05 24.02
O2X NAP G . 5.50 -19.46 25.85
O3X NAP G . 7.93 -19.98 25.41
N1 XSH H . 1.54 -15.71 16.77
C1 XSH H . 0.85 -16.27 15.79
N2 XSH H . 0.38 -15.47 14.81
C2 XSH H . -0.28 -16.06 13.80
C3 XSH H . -0.55 -17.51 13.78
C4 XSH H . -1.32 -18.24 12.79
C5 XSH H . -1.47 -19.60 12.89
C6 XSH H . -0.92 -20.30 13.98
C7 XSH H . -0.23 -19.63 14.96
C8 XSH H . -0.03 -18.23 14.85
N3 XSH H . 0.67 -17.61 15.86
O1 XSH H . -1.81 -17.50 11.76
C9 XSH H . -2.79 -17.99 10.84
C10 XSH H . -2.89 -17.03 9.66
C11 XSH H . -3.65 -17.63 8.48
C12 XSH H . -3.80 -16.63 7.36
N4 XSH H . -4.56 -15.47 7.84
C13 XSH H . -3.83 -14.76 8.89
C14 XSH H . -3.52 -15.69 10.07
C15 XSH H . -5.83 -15.12 7.53
O2 XSH H . -6.29 -14.00 7.85
C16 XSH H . -6.84 -16.04 6.79
C17 XSH H . -6.62 -17.52 6.54
C18 XSH H . -6.71 -17.77 5.10
C19 XSH H . -6.71 -17.86 3.93
N5 XSH H . -8.11 -15.97 7.54
C20 XSH H . -8.34 -16.44 8.77
O3 XSH H . -7.56 -17.14 9.37
C21 XSH H . -9.65 -16.04 9.39
N6 XSH H . -0.70 -15.21 12.83
PA NAP I . -18.42 -0.47 -18.95
O1A NAP I . -19.89 -0.48 -18.97
O2A NAP I . -17.67 -1.75 -19.01
O5B NAP I . -17.72 0.59 -19.95
C5B NAP I . -18.17 1.95 -20.03
C4B NAP I . -18.05 2.44 -21.46
O4B NAP I . -16.67 2.38 -21.90
C3B NAP I . -18.79 1.62 -22.53
O3B NAP I . -20.22 1.81 -22.50
C2B NAP I . -18.06 2.07 -23.81
O2B NAP I . -18.77 3.12 -24.48
C1B NAP I . -16.74 2.65 -23.29
N9A NAP I . -15.57 2.08 -23.93
C8A NAP I . -15.19 0.77 -24.02
N7A NAP I . -14.28 0.54 -24.93
C5A NAP I . -14.04 1.78 -25.49
C6A NAP I . -13.21 2.21 -26.53
N6A NAP I . -12.44 1.42 -27.25
N1A NAP I . -13.24 3.53 -26.85
C2A NAP I . -14.04 4.33 -26.16
N3A NAP I . -14.87 4.04 -25.16
C4A NAP I . -14.83 2.74 -24.87
O3 NAP I . -18.11 0.29 -17.59
PN NAP I . -18.83 0.35 -16.16
O1N NAP I . -19.91 1.35 -16.19
O2N NAP I . -19.10 -1.05 -15.75
O5D NAP I . -17.62 0.91 -15.26
C5D NAP I . -17.24 2.31 -15.25
C4D NAP I . -15.85 2.47 -14.68
O4D NAP I . -15.76 1.88 -13.35
C3D NAP I . -14.76 1.76 -15.52
O3D NAP I . -13.58 2.54 -15.64
C2D NAP I . -14.51 0.46 -14.76
O2D NAP I . -13.24 -0.15 -15.04
C1D NAP I . -14.73 0.93 -13.31
N1N NAP I . -15.13 -0.19 -12.45
C2N NAP I . -16.35 -0.76 -12.61
C3N NAP I . -16.70 -1.88 -11.89
C7N NAP I . -18.04 -2.59 -12.02
O7N NAP I . -18.34 -3.42 -11.17
N7N NAP I . -18.86 -2.24 -13.02
C4N NAP I . -15.79 -2.41 -10.98
C5N NAP I . -14.54 -1.80 -10.83
C6N NAP I . -14.24 -0.70 -11.57
P2B NAP I . -19.82 2.77 -25.68
O1X NAP I . -20.92 1.96 -25.03
O2X NAP I . -19.09 2.00 -26.75
O3X NAP I . -20.26 4.15 -26.11
C ACT J . -26.06 17.39 -29.16
O ACT J . -26.51 18.60 -29.25
OXT ACT J . -24.79 17.08 -29.20
CH3 ACT J . -27.13 16.26 -28.95
N1 XSH K . -14.82 -1.44 -17.73
C1 XSH K . -15.22 -2.30 -16.79
N2 XSH K . -14.36 -2.59 -15.78
C2 XSH K . -14.73 -3.44 -14.83
C3 XSH K . -16.04 -4.07 -14.87
C4 XSH K . -16.58 -5.00 -13.92
C5 XSH K . -17.83 -5.51 -14.07
C6 XSH K . -18.62 -5.09 -15.13
C7 XSH K . -18.17 -4.22 -16.06
C8 XSH K . -16.88 -3.68 -15.94
N3 XSH K . -16.47 -2.81 -16.92
O1 XSH K . -15.78 -5.36 -12.87
C9 XSH K . -16.17 -6.45 -12.00
C10 XSH K . -15.28 -6.44 -10.77
C11 XSH K . -13.80 -6.46 -11.18
C12 XSH K . -12.87 -6.74 -10.01
N4 XSH K . -13.29 -7.95 -9.28
C13 XSH K . -14.66 -7.85 -8.75
C14 XSH K . -15.65 -7.64 -9.88
C15 XSH K . -12.40 -8.97 -9.18
O2 XSH K . -11.29 -8.92 -9.72
C16 XSH K . -12.75 -10.21 -8.36
C17 XSH K . -13.03 -9.77 -6.92
C18 XSH K . -13.62 -10.80 -6.05
C19 XSH K . -14.21 -11.43 -5.25
N5 XSH K . -13.82 -10.92 -9.07
C20 XSH K . -13.68 -11.45 -10.28
O3 XSH K . -14.57 -11.31 -11.09
C21 XSH K . -12.52 -12.44 -10.61
N6 XSH K . -13.85 -3.65 -13.84
PA NAP L . -4.25 17.74 18.84
O1A NAP L . -4.67 19.15 18.87
O2A NAP L . -2.81 17.41 18.83
O5B NAP L . -4.97 16.78 19.85
C5B NAP L . -6.41 16.76 19.91
C4B NAP L . -6.83 16.51 21.34
O4B NAP L . -6.47 15.17 21.79
C3B NAP L . -6.20 17.42 22.39
O3B NAP L . -6.91 18.66 22.46
C2B NAP L . -6.42 16.64 23.68
O2B NAP L . -7.59 17.09 24.42
C1B NAP L . -6.70 15.21 23.18
N9A NAP L . -5.87 14.21 23.87
C8A NAP L . -4.51 14.17 23.98
N7A NAP L . -4.08 13.35 24.91
C5A NAP L . -5.24 12.82 25.45
C6A NAP L . -5.48 11.91 26.50
N6A NAP L . -4.53 11.36 27.22
N1A NAP L . -6.77 11.62 26.80
C2A NAP L . -7.74 12.21 26.09
N3A NAP L . -7.62 13.08 25.08
C4A NAP L . -6.35 13.34 24.81
O3 NAP L . -4.93 17.23 17.48
PN NAP L . -5.16 17.89 16.06
O1N NAP L . -6.41 18.68 16.14
O2N NAP L . -3.87 18.54 15.68
O5D NAP L . -5.40 16.64 15.09
C5D NAP L . -6.66 15.90 15.17
C4D NAP L . -6.44 14.52 14.65
O4D NAP L . -5.93 14.52 13.30
C3D NAP L . -5.47 13.68 15.48
O3D NAP L . -5.92 12.33 15.57
C2D NAP L . -4.18 13.74 14.69
O2D NAP L . -3.34 12.61 14.95
C1D NAP L . -4.72 13.81 13.25
N1N NAP L . -3.73 14.52 12.39
C2N NAP L . -3.51 15.85 12.53
C3N NAP L . -2.51 16.47 11.82
C7N NAP L . -2.17 17.93 11.93
O7N NAP L . -1.42 18.43 11.10
N7N NAP L . -2.71 18.63 12.93
C4N NAP L . -1.75 15.71 10.94
C5N NAP L . -2.00 14.34 10.80
C6N NAP L . -2.99 13.77 11.54
P2B NAP L . -7.53 18.23 25.61
O1X NAP L . -7.17 19.50 24.89
O2X NAP L . -6.57 17.85 26.71
O3X NAP L . -8.96 18.25 26.09
N1 XSH M . -2.36 14.44 17.62
C1 XSH M . -1.65 15.06 16.65
N2 XSH M . -1.16 14.32 15.61
C2 XSH M . -0.42 14.96 14.71
C3 XSH M . -0.18 16.41 14.76
C4 XSH M . 0.60 17.20 13.84
C5 XSH M . 0.72 18.57 14.00
C6 XSH M . 0.09 19.18 15.09
C7 XSH M . -0.59 18.46 16.01
C8 XSH M . -0.76 17.06 15.85
N3 XSH M . -1.49 16.40 16.81
O1 XSH M . 1.16 16.58 12.79
C9 XSH M . 2.15 17.27 12.01
C10 XSH M . 2.37 16.45 10.77
C11 XSH M . 3.12 17.20 9.66
C12 XSH M . 3.37 16.27 8.48
N4 XSH M . 4.11 15.08 8.91
C13 XSH M . 3.41 14.30 9.94
C14 XSH M . 3.15 15.19 11.15
C15 XSH M . 5.35 14.66 8.56
O2 XSH M . 5.71 13.48 8.81
C16 XSH M . 6.39 15.61 7.95
C17 XSH M . 6.26 17.14 7.89
C18 XSH M . 6.22 17.54 6.49
C19 XSH M . 6.19 17.81 5.35
N5 XSH M . 7.60 15.40 8.74
C20 XSH M . 7.77 15.79 10.01
O3 XSH M . 6.96 16.51 10.59
C21 XSH M . 9.04 15.30 10.65
N6 XSH M . 0.05 14.22 13.70
#